data_9VNT
#
_entry.id   9VNT
#
_cell.length_a   1.00
_cell.length_b   1.00
_cell.length_c   1.00
_cell.angle_alpha   90.00
_cell.angle_beta   90.00
_cell.angle_gamma   90.00
#
_symmetry.space_group_name_H-M   'P 1'
#
loop_
_entity.id
_entity.type
_entity.pdbx_description
1 polymer 'Phospholipid-transporting ATPase IG'
2 polymer 'Cell cycle control protein 50A'
3 branched alpha-D-mannopyranose-(1-4)-2-acetamido-2-deoxy-beta-D-glucopyranose-(1-4)-2-acetamido-2-deoxy-beta-D-glucopyranose
4 non-polymer 'TETRAFLUOROALUMINATE ION'
5 non-polymer 'MAGNESIUM ION'
6 non-polymer O-[(R)-{[(2R)-2,3-bis(octadecanoyloxy)propyl]oxy}(hydroxy)phosphoryl]-L-serine
7 non-polymer 2-acetamido-2-deoxy-beta-D-glucopyranose
8 water water
#
loop_
_entity_poly.entity_id
_entity_poly.type
_entity_poly.pdbx_seq_one_letter_code
_entity_poly.pdbx_strand_id
1 'polypeptide(L)'
;TRTVFVGNHPVSETEAYIAQRFCDNRIVSSKYTLWNFLPKNLFEQFRRIANFYFLIIFLVEVTVDTPTSPVTSGLPLFFV
ITVTAIKQGYEDWLRHRADNEVNKSTVYIIENAKRVRKESEKIKVGDVVEVQADETFPCDLILLSSCTTDGTCYVTTASL
DGESNCKTHYAVRDTIALCTAESIDTLRAAIECEQPQPDLYKFVGRINIYSNSLEAVARSLGPENLLLKGATLKNTEKIY
GVAVYTGMETKMALNYQGKSQKRSAVEKSINAFLIVYLFILLTKAAVCTTLKYVWQSTPYNDEPWYNQKTQKERETLKVL
KMFTDFLSFMVLFNFIIPVSMYVTVEMQKFLGSFFISWDKDFYDEEINEGALVNTSDLNEELGQVDYVFTDKTGTLTENS
MEFIECCIDGHKYKGVTQEVDGLSQTDGTLTYFDKVDKNREELFLRALCLCHTVEIKTNDAVDGATESAELTYISSSPDE
IALVKGAKRYGFTFLGNRNGYMRVENQRKEIEEYELLHTLNFDAVRRRMSVIVKTQEGDILLFCKGADSAVFPRVQNHEI
ELTKVHVERNAMDGYRTLCVAFKEIAPDDYERINRQLIEAKMALQDREEKMEKVFDDIETNMNLIGATAVEDKLQDQAAE
TIEALHAAGLKVWVLTGDKMETAKSTCYACRLFQTNTELLELTTKTIEESERKEDRLHELLIEYRKKLLHEFPKSTRSFK
KAWTEHQEYGLIIDGSTLSLILNSSQDSSSNNYKSIFLQICMKCTAVLCCRMAPLQKAQIVRMVKNLKGSPITLSIGDGA
NDVSMILESHVGIGIKGKEGRQAARNSDYSVPKFKHLKKLLLAHGHLYYVRIAHLVQYFFYKNLCFILPQFLYQFFCGFS
QQPLYDAAYLTMYNICFTSLPILAYSLLEQHINIDTLTSDPRLYMKISGNAMLQLGPFLYWTFLAAFEGTVFFFGTYFLF
QTASLEENGKVYGNWTFGTIVFTVLVFTVTLKLALDTRFWTWINHFVIWGSLAFYVFFSFFWGGIIWPFLKQQRMYFVFA
QMLSSVSTWLAIILLIFISLFPEILLIVLKNVR
;
A
2 'polypeptide(L)'
;RPDNTAFKQQRLPAWQPILTAGTVLPIFFIIGLIFIPIGIGIFVTSNNIREIEIDYTGTEPSSPCNKCLSPDVTPCFCTI
NFTLEKSFEGNVFMYYGLSNFYQNHRRYVKSRDDSQLNGDSSALLNPSKECEPYRRNEDKPIAPCGAIMNSMFNDTLELF
LIGQDSYPIPIALKKKGIAWWTDKNVKFRNPPGGDNLEERFKGTTKPVNWLKPVYMLDSDPDNNGFINEDFIVWMRTAAL
PTFRKLYRLIERKSDLHPTLPAGRYWLNVTYNYPVHYFDGRKRMILSTISWMGGKNPFLGIAYIAVGSISFLLGVVLLVI
NHKY
;
C
#
# COMPACT_ATOMS: atom_id res chain seq x y z
N THR A 1 -53.48 -8.65 -14.94
CA THR A 1 -52.67 -9.78 -15.38
C THR A 1 -52.66 -10.88 -14.33
N ARG A 2 -52.21 -10.55 -13.14
CA ARG A 2 -52.17 -11.53 -12.06
C ARG A 2 -53.55 -11.75 -11.46
N THR A 3 -53.92 -13.01 -11.29
CA THR A 3 -55.24 -13.39 -10.79
C THR A 3 -55.08 -13.92 -9.37
N VAL A 4 -55.86 -13.36 -8.44
CA VAL A 4 -55.76 -13.69 -7.02
C VAL A 4 -57.15 -14.06 -6.53
N PHE A 5 -57.26 -15.23 -5.89
CA PHE A 5 -58.50 -15.61 -5.24
C PHE A 5 -58.45 -15.30 -3.75
N VAL A 6 -59.56 -14.77 -3.24
CA VAL A 6 -59.54 -14.13 -1.92
C VAL A 6 -59.21 -15.14 -0.83
N GLY A 7 -60.04 -16.17 -0.68
CA GLY A 7 -59.78 -17.18 0.31
C GLY A 7 -59.07 -18.38 -0.26
N ASN A 8 -58.53 -18.22 -1.47
CA ASN A 8 -57.92 -19.30 -2.23
C ASN A 8 -58.93 -20.41 -2.50
N HIS A 9 -60.21 -20.05 -2.51
CA HIS A 9 -61.39 -20.86 -2.81
C HIS A 9 -61.74 -20.76 -4.29
N PRO A 10 -61.98 -21.90 -4.95
CA PRO A 10 -62.37 -21.85 -6.37
C PRO A 10 -63.67 -21.09 -6.56
N VAL A 11 -63.74 -20.34 -7.66
CA VAL A 11 -64.93 -19.57 -7.98
C VAL A 11 -65.56 -20.08 -9.27
N PHE A 22 -46.61 -17.74 -7.75
CA PHE A 22 -46.44 -16.75 -6.69
C PHE A 22 -45.44 -17.23 -5.65
N CYS A 23 -44.74 -16.28 -5.03
CA CYS A 23 -43.78 -16.61 -3.98
C CYS A 23 -44.37 -16.32 -2.61
N ASP A 24 -43.66 -16.74 -1.57
CA ASP A 24 -44.02 -16.42 -0.20
C ASP A 24 -43.26 -15.18 0.25
N ASN A 25 -43.73 -14.57 1.34
CA ASN A 25 -43.17 -13.30 1.81
C ASN A 25 -41.99 -13.56 2.75
N ARG A 26 -40.95 -14.15 2.19
CA ARG A 26 -39.68 -14.33 2.87
C ARG A 26 -38.68 -13.36 2.24
N ILE A 27 -38.40 -12.26 2.94
CA ILE A 27 -37.50 -11.25 2.38
C ILE A 27 -36.06 -11.69 2.59
N VAL A 28 -35.22 -11.42 1.59
CA VAL A 28 -33.80 -11.79 1.62
C VAL A 28 -33.01 -10.50 1.42
N SER A 29 -32.40 -10.00 2.50
CA SER A 29 -31.50 -8.87 2.43
C SER A 29 -30.04 -9.28 2.49
N SER A 30 -29.76 -10.54 2.77
CA SER A 30 -28.39 -11.03 2.90
C SER A 30 -27.84 -11.46 1.54
N LYS A 31 -26.58 -11.88 1.55
CA LYS A 31 -25.88 -12.24 0.32
C LYS A 31 -25.19 -13.60 0.39
N TYR A 32 -24.74 -14.04 1.56
CA TYR A 32 -24.07 -15.31 1.73
C TYR A 32 -24.97 -16.29 2.48
N THR A 33 -24.97 -17.55 2.03
CA THR A 33 -25.47 -18.64 2.85
C THR A 33 -24.33 -19.18 3.69
N LEU A 34 -24.67 -19.91 4.76
CA LEU A 34 -23.66 -20.44 5.66
C LEU A 34 -22.71 -21.40 4.94
N TRP A 35 -23.27 -22.25 4.07
CA TRP A 35 -22.47 -23.28 3.43
C TRP A 35 -21.58 -22.71 2.32
N ASN A 36 -22.04 -21.69 1.62
CA ASN A 36 -21.35 -21.18 0.44
C ASN A 36 -20.59 -19.89 0.71
N PHE A 37 -20.42 -19.51 1.98
CA PHE A 37 -19.76 -18.24 2.27
C PHE A 37 -18.28 -18.27 1.88
N LEU A 38 -17.55 -19.31 2.27
CA LEU A 38 -16.12 -19.38 1.98
C LEU A 38 -15.83 -19.44 0.47
N PRO A 39 -16.46 -20.34 -0.29
CA PRO A 39 -16.19 -20.36 -1.74
C PRO A 39 -16.58 -19.06 -2.44
N LYS A 40 -17.65 -18.40 -2.00
CA LYS A 40 -18.08 -17.16 -2.62
C LYS A 40 -17.22 -15.96 -2.24
N ASN A 41 -16.72 -15.91 -1.00
CA ASN A 41 -15.88 -14.82 -0.55
C ASN A 41 -14.44 -14.94 -1.03
N LEU A 42 -13.85 -16.15 -0.98
CA LEU A 42 -12.49 -16.32 -1.46
C LEU A 42 -12.36 -16.12 -2.95
N PHE A 43 -13.42 -16.40 -3.72
CA PHE A 43 -13.42 -16.14 -5.15
C PHE A 43 -13.53 -14.66 -5.49
N GLU A 44 -14.40 -13.93 -4.77
CA GLU A 44 -14.50 -12.49 -4.98
C GLU A 44 -13.25 -11.76 -4.48
N GLN A 45 -12.59 -12.28 -3.45
CA GLN A 45 -11.37 -11.67 -2.93
C GLN A 45 -10.15 -11.92 -3.80
N PHE A 46 -10.00 -13.12 -4.37
CA PHE A 46 -8.86 -13.46 -5.19
C PHE A 46 -9.06 -13.12 -6.65
N ARG A 47 -10.25 -12.62 -7.01
CA ARG A 47 -10.47 -12.08 -8.34
C ARG A 47 -9.90 -10.68 -8.47
N ARG A 48 -9.56 -10.04 -7.35
CA ARG A 48 -8.89 -8.75 -7.36
C ARG A 48 -7.44 -8.94 -7.78
N ILE A 49 -6.92 -7.99 -8.57
CA ILE A 49 -5.60 -8.14 -9.18
C ILE A 49 -4.52 -8.21 -8.11
N ALA A 50 -4.60 -7.34 -7.09
CA ALA A 50 -3.60 -7.34 -6.03
C ALA A 50 -3.56 -8.66 -5.28
N ASN A 51 -4.72 -9.17 -4.87
CA ASN A 51 -4.78 -10.43 -4.14
C ASN A 51 -4.30 -11.60 -4.99
N PHE A 52 -4.65 -11.62 -6.28
CA PHE A 52 -4.17 -12.67 -7.16
C PHE A 52 -2.65 -12.61 -7.31
N TYR A 53 -2.10 -11.40 -7.45
CA TYR A 53 -0.67 -11.23 -7.60
C TYR A 53 0.07 -11.69 -6.35
N PHE A 54 -0.46 -11.34 -5.17
CA PHE A 54 0.19 -11.75 -3.94
C PHE A 54 0.23 -13.27 -3.80
N LEU A 55 -0.87 -13.95 -4.16
CA LEU A 55 -0.89 -15.40 -4.11
C LEU A 55 0.10 -15.99 -5.11
N ILE A 56 0.17 -15.41 -6.31
CA ILE A 56 1.13 -15.91 -7.31
C ILE A 56 2.55 -15.79 -6.78
N ILE A 57 2.87 -14.64 -6.18
CA ILE A 57 4.21 -14.42 -5.66
C ILE A 57 4.50 -15.41 -4.54
N PHE A 58 3.53 -15.63 -3.66
CA PHE A 58 3.71 -16.57 -2.56
C PHE A 58 4.03 -17.97 -3.08
N LEU A 59 3.26 -18.43 -4.07
CA LEU A 59 3.53 -19.73 -4.67
C LEU A 59 4.88 -19.79 -5.37
N VAL A 60 5.30 -18.72 -6.04
CA VAL A 60 6.60 -18.73 -6.70
C VAL A 60 7.73 -18.81 -5.66
N GLU A 61 7.61 -18.08 -4.55
CA GLU A 61 8.63 -18.20 -3.49
C GLU A 61 8.64 -19.61 -2.91
N VAL A 62 7.45 -20.21 -2.74
CA VAL A 62 7.39 -21.56 -2.19
C VAL A 62 8.04 -22.57 -3.13
N THR A 63 7.81 -22.47 -4.43
CA THR A 63 8.21 -23.50 -5.36
C THR A 63 9.55 -23.25 -6.03
N VAL A 64 9.75 -22.08 -6.64
CA VAL A 64 10.89 -21.87 -7.53
C VAL A 64 12.09 -21.31 -6.78
N ASP A 65 11.95 -20.10 -6.22
CA ASP A 65 13.09 -19.42 -5.65
C ASP A 65 12.59 -18.30 -4.74
N THR A 66 13.43 -17.91 -3.78
CA THR A 66 13.12 -16.86 -2.83
C THR A 66 14.39 -16.37 -2.14
N PRO A 67 14.61 -15.06 -2.09
CA PRO A 67 15.71 -14.50 -1.30
C PRO A 67 15.53 -14.73 0.19
N THR A 68 14.33 -14.47 0.69
CA THR A 68 13.98 -14.65 2.09
C THR A 68 12.93 -15.75 2.21
N SER A 69 12.45 -15.97 3.43
CA SER A 69 11.48 -17.03 3.68
C SER A 69 10.17 -16.75 2.97
N PRO A 70 9.48 -17.78 2.45
CA PRO A 70 8.15 -17.57 1.89
C PRO A 70 7.08 -17.62 2.98
N VAL A 71 7.37 -17.00 4.12
CA VAL A 71 6.46 -16.94 5.24
C VAL A 71 6.14 -15.47 5.47
N THR A 72 7.06 -14.61 5.06
CA THR A 72 6.85 -13.17 5.14
C THR A 72 6.06 -12.71 3.92
N SER A 73 5.83 -13.64 2.99
CA SER A 73 5.05 -13.30 1.80
C SER A 73 3.63 -13.87 1.87
N GLY A 74 3.47 -15.00 2.55
CA GLY A 74 2.18 -15.66 2.59
C GLY A 74 1.39 -15.45 3.87
N LEU A 75 2.05 -14.98 4.92
CA LEU A 75 1.37 -14.72 6.19
C LEU A 75 0.58 -13.42 6.14
N PRO A 76 1.14 -12.28 5.66
CA PRO A 76 0.33 -11.06 5.56
C PRO A 76 -0.85 -11.22 4.61
N LEU A 77 -0.67 -11.99 3.54
CA LEU A 77 -1.79 -12.29 2.64
C LEU A 77 -2.89 -13.03 3.38
N PHE A 78 -2.52 -14.04 4.16
CA PHE A 78 -3.49 -14.77 4.97
C PHE A 78 -4.20 -13.82 5.94
N PHE A 79 -3.43 -12.92 6.55
CA PHE A 79 -3.98 -11.96 7.51
C PHE A 79 -5.05 -11.08 6.86
N VAL A 80 -4.72 -10.48 5.72
CA VAL A 80 -5.66 -9.55 5.08
C VAL A 80 -6.88 -10.30 4.55
N ILE A 81 -6.66 -11.50 4.01
CA ILE A 81 -7.78 -12.31 3.51
C ILE A 81 -8.73 -12.72 4.62
N THR A 82 -8.23 -13.15 5.77
CA THR A 82 -9.10 -13.49 6.90
C THR A 82 -9.78 -12.25 7.47
N VAL A 83 -9.08 -11.12 7.54
CA VAL A 83 -9.70 -9.91 8.10
C VAL A 83 -10.87 -9.46 7.24
N THR A 84 -10.67 -9.40 5.91
CA THR A 84 -11.76 -9.02 5.03
C THR A 84 -12.90 -10.03 5.08
N ALA A 85 -12.57 -11.32 5.12
CA ALA A 85 -13.59 -12.36 5.16
C ALA A 85 -14.43 -12.25 6.43
N ILE A 86 -13.79 -12.04 7.58
CA ILE A 86 -14.51 -11.87 8.83
C ILE A 86 -15.39 -10.62 8.80
N LYS A 87 -14.88 -9.50 8.28
CA LYS A 87 -15.69 -8.29 8.23
C LYS A 87 -16.94 -8.49 7.37
N GLN A 88 -16.78 -9.02 6.16
CA GLN A 88 -17.93 -9.24 5.28
C GLN A 88 -18.88 -10.30 5.82
N GLY A 89 -18.36 -11.39 6.41
CA GLY A 89 -19.21 -12.38 7.02
C GLY A 89 -20.01 -11.86 8.19
N TYR A 90 -19.41 -11.03 9.05
CA TYR A 90 -20.14 -10.38 10.13
C TYR A 90 -21.21 -9.43 9.62
N GLU A 91 -20.93 -8.65 8.57
CA GLU A 91 -21.96 -7.80 7.99
C GLU A 91 -23.12 -8.63 7.45
N ASP A 92 -22.81 -9.73 6.77
CA ASP A 92 -23.87 -10.58 6.23
C ASP A 92 -24.67 -11.25 7.35
N TRP A 93 -23.99 -11.62 8.43
CA TRP A 93 -24.70 -12.19 9.59
C TRP A 93 -25.63 -11.16 10.22
N LEU A 94 -25.17 -9.92 10.30
CA LEU A 94 -26.04 -8.85 10.79
C LEU A 94 -27.26 -8.66 9.91
N ARG A 95 -27.12 -8.72 8.59
CA ARG A 95 -28.28 -8.65 7.71
C ARG A 95 -29.19 -9.87 7.83
N HIS A 96 -28.60 -11.06 8.00
CA HIS A 96 -29.38 -12.26 8.26
C HIS A 96 -30.22 -12.13 9.53
N ARG A 97 -29.67 -11.53 10.58
CA ARG A 97 -30.39 -11.37 11.84
C ARG A 97 -31.62 -10.49 11.67
N ALA A 98 -31.53 -9.42 10.89
CA ALA A 98 -32.68 -8.58 10.59
C ALA A 98 -33.68 -9.29 9.68
N ASP A 99 -33.18 -10.11 8.74
CA ASP A 99 -34.10 -10.89 7.91
C ASP A 99 -34.95 -11.82 8.75
N ASN A 100 -34.38 -12.44 9.78
CA ASN A 100 -35.11 -13.37 10.62
C ASN A 100 -36.01 -12.70 11.65
N GLU A 101 -35.85 -11.40 11.88
CA GLU A 101 -36.83 -10.71 12.73
C GLU A 101 -37.95 -10.10 11.91
N VAL A 102 -37.69 -9.66 10.68
CA VAL A 102 -38.79 -9.34 9.77
C VAL A 102 -39.61 -10.57 9.44
N ASN A 103 -38.95 -11.68 9.13
CA ASN A 103 -39.60 -12.97 9.03
C ASN A 103 -39.83 -13.51 10.45
N LYS A 104 -40.46 -14.68 10.55
CA LYS A 104 -40.76 -15.30 11.83
C LYS A 104 -41.47 -14.33 12.77
N SER A 105 -42.33 -13.49 12.23
CA SER A 105 -43.12 -12.55 13.01
C SER A 105 -44.58 -13.00 12.99
N THR A 106 -45.24 -12.84 14.13
CA THR A 106 -46.59 -13.37 14.29
C THR A 106 -47.58 -12.64 13.39
N VAL A 107 -48.28 -13.40 12.57
CA VAL A 107 -49.36 -12.87 11.73
C VAL A 107 -50.56 -13.78 11.88
N TYR A 108 -51.75 -13.21 11.93
CA TYR A 108 -52.97 -14.00 12.08
C TYR A 108 -53.68 -14.14 10.75
N ILE A 109 -53.82 -15.37 10.28
CA ILE A 109 -54.42 -15.67 8.98
C ILE A 109 -55.68 -16.49 9.21
N ILE A 110 -56.76 -16.08 8.54
CA ILE A 110 -58.03 -16.78 8.63
C ILE A 110 -58.11 -17.86 7.55
N GLU A 111 -57.78 -19.10 7.92
CA GLU A 111 -57.75 -20.18 6.94
C GLU A 111 -59.14 -20.76 6.70
N ASN A 112 -59.74 -21.32 7.75
CA ASN A 112 -61.05 -21.98 7.64
C ASN A 112 -61.93 -21.51 8.81
N ALA A 113 -62.59 -20.37 8.61
CA ALA A 113 -63.54 -19.81 9.59
C ALA A 113 -62.93 -19.65 10.98
N LYS A 114 -61.60 -19.62 11.06
CA LYS A 114 -60.92 -19.56 12.35
C LYS A 114 -59.68 -18.71 12.21
N ARG A 115 -59.18 -18.23 13.35
CA ARG A 115 -58.06 -17.29 13.38
C ARG A 115 -56.78 -18.07 13.66
N VAL A 116 -56.12 -18.49 12.58
CA VAL A 116 -54.89 -19.25 12.68
C VAL A 116 -53.72 -18.29 12.86
N ARG A 117 -52.69 -18.74 13.57
CA ARG A 117 -51.51 -17.91 13.85
C ARG A 117 -50.33 -18.53 13.10
N LYS A 118 -49.68 -17.73 12.26
CA LYS A 118 -48.54 -18.17 11.46
C LYS A 118 -47.37 -17.20 11.66
N GLU A 119 -46.27 -17.50 10.98
CA GLU A 119 -45.15 -16.59 10.87
C GLU A 119 -45.33 -15.71 9.65
N SER A 120 -44.67 -14.55 9.66
CA SER A 120 -44.84 -13.59 8.57
C SER A 120 -44.46 -14.16 7.22
N GLU A 121 -43.48 -15.07 7.17
CA GLU A 121 -43.00 -15.62 5.91
C GLU A 121 -43.86 -16.75 5.37
N LYS A 122 -44.88 -17.18 6.10
CA LYS A 122 -45.74 -18.28 5.68
C LYS A 122 -47.00 -17.81 4.99
N ILE A 123 -47.14 -16.52 4.72
CA ILE A 123 -48.31 -15.96 4.07
C ILE A 123 -48.21 -16.24 2.57
N LYS A 124 -49.34 -16.62 1.97
CA LYS A 124 -49.42 -16.89 0.55
C LYS A 124 -50.28 -15.82 -0.12
N VAL A 125 -50.08 -15.65 -1.43
CA VAL A 125 -50.89 -14.70 -2.17
C VAL A 125 -52.32 -15.22 -2.25
N GLY A 126 -53.25 -14.45 -1.69
CA GLY A 126 -54.64 -14.83 -1.71
C GLY A 126 -55.12 -15.45 -0.41
N ASP A 127 -54.76 -14.86 0.72
CA ASP A 127 -55.27 -15.27 2.02
C ASP A 127 -55.60 -14.03 2.84
N VAL A 128 -56.51 -14.19 3.79
CA VAL A 128 -57.08 -13.07 4.53
C VAL A 128 -56.24 -12.91 5.79
N VAL A 129 -55.58 -11.76 5.91
CA VAL A 129 -54.80 -11.41 7.08
C VAL A 129 -55.69 -10.61 8.04
N GLU A 130 -55.27 -10.49 9.30
CA GLU A 130 -56.10 -9.94 10.36
C GLU A 130 -55.30 -8.91 11.17
N VAL A 131 -54.71 -7.94 10.47
CA VAL A 131 -53.90 -6.91 11.11
C VAL A 131 -54.72 -6.15 12.14
N GLN A 132 -54.13 -5.91 13.30
CA GLN A 132 -54.75 -5.16 14.38
C GLN A 132 -54.17 -3.75 14.47
N ALA A 133 -54.65 -2.99 15.46
CA ALA A 133 -54.24 -1.61 15.67
C ALA A 133 -52.76 -1.50 16.02
N ASP A 134 -52.09 -0.49 15.50
CA ASP A 134 -50.68 -0.21 15.77
C ASP A 134 -49.81 -1.44 15.46
N GLU A 135 -50.15 -2.10 14.36
CA GLU A 135 -49.44 -3.30 13.93
C GLU A 135 -49.13 -3.17 12.45
N THR A 136 -47.86 -3.41 12.09
CA THR A 136 -47.43 -3.23 10.70
C THR A 136 -48.05 -4.30 9.80
N PHE A 137 -48.38 -3.87 8.58
CA PHE A 137 -48.90 -4.80 7.58
C PHE A 137 -47.81 -5.77 7.15
N PRO A 138 -48.16 -7.05 6.97
CA PRO A 138 -47.15 -8.04 6.61
C PRO A 138 -46.95 -8.23 5.12
N CYS A 139 -47.90 -7.74 4.31
CA CYS A 139 -47.79 -7.84 2.86
C CYS A 139 -48.53 -6.66 2.25
N ASP A 140 -48.64 -6.65 0.92
CA ASP A 140 -49.44 -5.67 0.20
C ASP A 140 -50.90 -6.16 0.20
N LEU A 141 -51.63 -5.73 1.21
CA LEU A 141 -53.01 -6.17 1.39
C LEU A 141 -53.96 -5.28 0.61
N ILE A 142 -55.07 -5.87 0.15
CA ILE A 142 -56.18 -5.13 -0.41
C ILE A 142 -57.27 -5.09 0.66
N LEU A 143 -57.63 -3.90 1.09
CA LEU A 143 -58.55 -3.75 2.22
C LEU A 143 -59.92 -4.29 1.87
N LEU A 144 -60.27 -5.44 2.46
CA LEU A 144 -61.59 -6.04 2.28
C LEU A 144 -62.62 -5.46 3.23
N SER A 145 -62.27 -5.30 4.51
CA SER A 145 -63.24 -4.87 5.50
C SER A 145 -62.57 -4.32 6.75
N SER A 146 -62.93 -3.09 7.11
CA SER A 146 -62.70 -2.57 8.46
C SER A 146 -63.99 -2.76 9.24
N CYS A 147 -63.88 -3.27 10.46
CA CYS A 147 -65.10 -3.64 11.18
C CYS A 147 -65.93 -2.44 11.61
N THR A 148 -65.50 -1.22 11.33
CA THR A 148 -66.39 -0.09 11.45
C THR A 148 -67.45 -0.18 10.36
N THR A 149 -68.49 0.64 10.48
CA THR A 149 -69.55 0.69 9.49
C THR A 149 -69.23 1.64 8.36
N ASP A 150 -68.04 2.24 8.38
CA ASP A 150 -67.62 3.21 7.37
C ASP A 150 -66.72 2.61 6.30
N GLY A 151 -66.02 1.52 6.61
CA GLY A 151 -65.09 0.93 5.65
C GLY A 151 -63.89 1.79 5.35
N THR A 152 -63.41 2.55 6.35
CA THR A 152 -62.23 3.40 6.20
C THR A 152 -61.29 3.13 7.36
N CYS A 153 -60.00 3.00 7.07
CA CYS A 153 -58.96 2.86 8.08
C CYS A 153 -57.97 4.01 7.96
N TYR A 154 -57.04 4.08 8.91
CA TYR A 154 -56.03 5.12 8.94
C TYR A 154 -54.66 4.47 8.97
N VAL A 155 -53.72 5.01 8.19
CA VAL A 155 -52.43 4.37 7.97
C VAL A 155 -51.33 5.43 8.02
N THR A 156 -50.22 5.08 8.66
CA THR A 156 -49.01 5.90 8.69
C THR A 156 -47.92 5.16 7.93
N THR A 157 -47.53 5.69 6.77
CA THR A 157 -46.50 5.07 5.93
C THR A 157 -45.16 5.77 6.19
N ALA A 158 -44.69 5.67 7.43
CA ALA A 158 -43.44 6.30 7.81
C ALA A 158 -42.21 5.55 7.31
N SER A 159 -42.37 4.30 6.89
CA SER A 159 -41.27 3.51 6.35
C SER A 159 -41.19 3.59 4.82
N LEU A 160 -42.08 4.34 4.18
CA LEU A 160 -42.10 4.42 2.73
C LEU A 160 -41.90 5.86 2.27
N ASP A 161 -42.38 6.82 3.05
CA ASP A 161 -42.18 8.23 2.71
C ASP A 161 -41.61 9.05 3.86
N GLY A 162 -41.37 8.47 5.02
CA GLY A 162 -40.78 9.18 6.14
C GLY A 162 -41.70 10.16 6.84
N GLU A 163 -42.96 10.24 6.44
CA GLU A 163 -43.90 11.19 7.02
C GLU A 163 -44.84 10.45 7.96
N SER A 164 -45.21 11.10 9.06
CA SER A 164 -46.00 10.46 10.12
C SER A 164 -47.43 10.97 10.18
N ASN A 165 -48.00 11.43 9.06
CA ASN A 165 -49.39 11.81 9.02
C ASN A 165 -50.24 10.55 8.89
N CYS A 166 -51.56 10.72 8.90
CA CYS A 166 -52.51 9.59 8.89
C CYS A 166 -53.19 9.57 7.53
N LYS A 167 -52.70 8.71 6.64
CA LYS A 167 -53.39 8.46 5.38
C LYS A 167 -54.63 7.59 5.61
N THR A 168 -55.64 7.83 4.77
CA THR A 168 -56.92 7.13 4.91
C THR A 168 -57.13 6.22 3.70
N HIS A 169 -57.49 4.97 3.96
CA HIS A 169 -57.78 3.98 2.93
C HIS A 169 -59.20 3.50 3.07
N TYR A 170 -59.74 2.97 1.97
CA TYR A 170 -61.14 2.57 1.88
C TYR A 170 -61.25 1.10 1.53
N ALA A 171 -62.11 0.39 2.24
CA ALA A 171 -62.37 -1.01 1.97
C ALA A 171 -63.27 -1.16 0.74
N VAL A 172 -63.32 -2.39 0.22
CA VAL A 172 -64.21 -2.68 -0.90
C VAL A 172 -65.64 -2.64 -0.42
N ARG A 173 -66.48 -1.90 -1.14
CA ARG A 173 -67.82 -1.55 -0.65
C ARG A 173 -68.68 -2.79 -0.40
N ASP A 174 -68.63 -3.76 -1.30
CA ASP A 174 -69.45 -4.95 -1.16
C ASP A 174 -68.96 -5.88 -0.06
N THR A 175 -67.78 -5.62 0.52
CA THR A 175 -67.22 -6.48 1.56
C THR A 175 -66.99 -5.73 2.87
N ILE A 176 -67.38 -4.45 2.95
CA ILE A 176 -67.22 -3.71 4.20
C ILE A 176 -67.93 -4.36 5.38
N ALA A 177 -68.88 -5.27 5.14
CA ALA A 177 -69.70 -5.81 6.21
C ALA A 177 -69.19 -7.14 6.77
N LEU A 178 -68.02 -7.60 6.35
CA LEU A 178 -67.58 -8.96 6.65
C LEU A 178 -66.51 -8.97 7.76
N CYS A 179 -66.98 -8.89 9.00
CA CYS A 179 -66.13 -9.17 10.15
C CYS A 179 -66.43 -10.55 10.75
N THR A 180 -65.87 -10.81 11.93
CA THR A 180 -66.21 -11.95 12.78
C THR A 180 -65.68 -13.25 12.18
N ALA A 181 -64.50 -13.18 11.56
CA ALA A 181 -63.89 -14.32 10.88
C ALA A 181 -64.88 -14.97 9.91
N GLU A 182 -65.86 -14.18 9.49
CA GLU A 182 -66.95 -14.61 8.63
C GLU A 182 -66.74 -14.14 7.19
N SER A 183 -65.59 -13.52 6.90
CA SER A 183 -65.23 -13.16 5.53
C SER A 183 -65.02 -14.38 4.64
N ILE A 184 -65.25 -15.59 5.16
CA ILE A 184 -65.14 -16.83 4.40
C ILE A 184 -66.54 -17.36 4.13
N ASP A 185 -67.51 -16.45 4.03
CA ASP A 185 -68.94 -16.75 4.04
C ASP A 185 -69.42 -17.28 2.69
N THR A 186 -68.52 -17.90 1.93
CA THR A 186 -68.77 -18.32 0.55
C THR A 186 -69.00 -17.09 -0.31
N LEU A 187 -68.55 -15.94 0.17
CA LEU A 187 -68.46 -14.72 -0.62
C LEU A 187 -67.03 -14.59 -1.11
N ARG A 188 -66.64 -15.44 -2.05
CA ARG A 188 -65.30 -15.45 -2.60
C ARG A 188 -65.26 -14.55 -3.82
N ALA A 189 -64.06 -14.07 -4.14
CA ALA A 189 -63.87 -13.12 -5.22
C ALA A 189 -62.58 -13.46 -5.95
N ALA A 190 -62.40 -12.84 -7.11
CA ALA A 190 -61.19 -13.01 -7.92
C ALA A 190 -60.61 -11.62 -8.17
N ILE A 191 -59.47 -11.33 -7.55
CA ILE A 191 -58.80 -10.04 -7.69
C ILE A 191 -57.85 -10.15 -8.87
N GLU A 192 -58.09 -9.35 -9.91
CA GLU A 192 -57.23 -9.31 -11.09
C GLU A 192 -56.46 -8.00 -11.06
N CYS A 193 -55.20 -8.07 -10.64
CA CYS A 193 -54.35 -6.91 -10.48
C CYS A 193 -53.20 -6.96 -11.48
N GLU A 194 -52.41 -5.89 -11.50
CA GLU A 194 -51.25 -5.79 -12.35
C GLU A 194 -50.05 -6.50 -11.72
N GLN A 195 -48.99 -6.64 -12.51
CA GLN A 195 -47.75 -7.16 -11.97
C GLN A 195 -47.12 -6.11 -11.04
N PRO A 196 -46.39 -6.55 -10.01
CA PRO A 196 -45.86 -5.60 -9.03
C PRO A 196 -44.93 -4.57 -9.67
N GLN A 197 -45.02 -3.34 -9.17
CA GLN A 197 -44.21 -2.22 -9.61
C GLN A 197 -43.75 -1.43 -8.39
N PRO A 198 -42.62 -0.72 -8.50
CA PRO A 198 -42.06 -0.07 -7.31
C PRO A 198 -42.75 1.24 -6.95
N ASP A 199 -43.63 1.75 -7.80
CA ASP A 199 -44.22 3.07 -7.60
C ASP A 199 -45.34 2.95 -6.58
N LEU A 200 -45.25 3.75 -5.52
CA LEU A 200 -46.12 3.59 -4.36
C LEU A 200 -47.53 4.12 -4.61
N TYR A 201 -47.71 5.03 -5.56
CA TYR A 201 -48.97 5.76 -5.72
C TYR A 201 -49.70 5.43 -7.02
N LYS A 202 -49.48 4.22 -7.57
CA LYS A 202 -50.16 3.78 -8.77
C LYS A 202 -50.43 2.28 -8.65
N PHE A 203 -51.69 1.94 -8.41
CA PHE A 203 -52.15 0.56 -8.43
C PHE A 203 -53.44 0.46 -9.23
N VAL A 204 -53.49 -0.51 -10.15
CA VAL A 204 -54.65 -0.73 -10.98
C VAL A 204 -55.05 -2.20 -10.88
N GLY A 205 -56.36 -2.43 -10.78
CA GLY A 205 -56.89 -3.78 -10.65
C GLY A 205 -58.38 -3.76 -10.40
N ARG A 206 -59.01 -4.94 -10.44
CA ARG A 206 -60.43 -5.06 -10.21
C ARG A 206 -60.71 -6.29 -9.35
N ILE A 207 -61.81 -6.25 -8.62
CA ILE A 207 -62.26 -7.38 -7.81
C ILE A 207 -63.58 -7.88 -8.37
N ASN A 208 -63.71 -9.20 -8.48
CA ASN A 208 -64.88 -9.83 -9.07
C ASN A 208 -65.55 -10.68 -7.99
N ILE A 209 -66.46 -10.06 -7.25
CA ILE A 209 -67.13 -10.74 -6.14
C ILE A 209 -68.25 -11.61 -6.68
N TYR A 210 -68.21 -12.89 -6.35
CA TYR A 210 -69.17 -13.87 -6.83
C TYR A 210 -70.25 -14.13 -5.79
N SER A 211 -71.45 -14.38 -6.26
CA SER A 211 -72.59 -14.65 -5.39
C SER A 211 -73.10 -16.07 -5.59
N ALA A 216 -71.84 -11.39 -11.37
CA ALA A 216 -70.77 -11.06 -10.43
C ALA A 216 -70.42 -9.59 -10.49
N VAL A 217 -70.46 -8.92 -9.34
CA VAL A 217 -70.14 -7.49 -9.28
C VAL A 217 -68.64 -7.32 -9.48
N ALA A 218 -68.26 -6.38 -10.35
CA ALA A 218 -66.87 -6.12 -10.69
C ALA A 218 -66.54 -4.67 -10.33
N ARG A 219 -65.94 -4.47 -9.16
CA ARG A 219 -65.50 -3.15 -8.73
C ARG A 219 -64.07 -2.90 -9.16
N SER A 220 -63.80 -1.70 -9.65
CA SER A 220 -62.43 -1.33 -10.02
C SER A 220 -61.65 -0.91 -8.79
N LEU A 221 -60.53 -1.58 -8.54
CA LEU A 221 -59.69 -1.30 -7.40
C LEU A 221 -58.72 -0.16 -7.72
N GLY A 222 -58.11 0.39 -6.67
CA GLY A 222 -57.17 1.47 -6.82
C GLY A 222 -56.21 1.55 -5.65
N PRO A 223 -55.35 2.57 -5.65
CA PRO A 223 -54.40 2.73 -4.54
C PRO A 223 -55.05 3.05 -3.21
N GLU A 224 -56.35 3.37 -3.19
CA GLU A 224 -57.06 3.64 -1.95
C GLU A 224 -57.43 2.37 -1.20
N ASN A 225 -57.27 1.20 -1.80
CA ASN A 225 -57.59 -0.05 -1.13
C ASN A 225 -56.34 -0.83 -0.78
N LEU A 226 -55.24 -0.54 -1.47
CA LEU A 226 -54.00 -1.27 -1.25
C LEU A 226 -53.31 -0.80 0.01
N LEU A 227 -53.15 -1.71 0.97
CA LEU A 227 -52.39 -1.44 2.19
C LEU A 227 -51.01 -2.05 2.02
N LEU A 228 -49.99 -1.19 1.97
CA LEU A 228 -48.65 -1.64 1.64
C LEU A 228 -47.92 -2.18 2.87
N LYS A 229 -47.02 -3.12 2.63
CA LYS A 229 -46.16 -3.65 3.67
C LYS A 229 -45.25 -2.56 4.20
N GLY A 230 -45.02 -2.57 5.50
CA GLY A 230 -44.26 -1.53 6.15
C GLY A 230 -45.08 -0.33 6.59
N ALA A 231 -46.40 -0.40 6.49
CA ALA A 231 -47.30 0.67 6.93
C ALA A 231 -48.00 0.23 8.19
N THR A 232 -48.10 1.13 9.16
CA THR A 232 -48.75 0.82 10.42
C THR A 232 -50.22 1.21 10.37
N LEU A 233 -51.08 0.31 10.84
CA LEU A 233 -52.51 0.57 10.93
C LEU A 233 -52.77 1.36 12.21
N LYS A 234 -53.41 2.51 12.08
CA LYS A 234 -53.58 3.44 13.18
C LYS A 234 -55.06 3.74 13.39
N ASN A 235 -55.47 3.82 14.65
CA ASN A 235 -56.80 4.26 15.06
C ASN A 235 -57.92 3.36 14.51
N THR A 236 -57.61 2.11 14.20
CA THR A 236 -58.61 1.14 13.79
C THR A 236 -58.30 -0.20 14.45
N GLU A 237 -59.31 -0.77 15.11
CA GLU A 237 -59.06 -1.95 15.94
C GLU A 237 -58.62 -3.15 15.10
N LYS A 238 -59.20 -3.33 13.92
CA LYS A 238 -58.99 -4.55 13.16
C LYS A 238 -59.45 -4.35 11.73
N ILE A 239 -58.68 -4.90 10.79
CA ILE A 239 -59.03 -4.89 9.38
C ILE A 239 -58.79 -6.29 8.82
N TYR A 240 -59.50 -6.62 7.74
CA TYR A 240 -59.28 -7.85 6.98
C TYR A 240 -58.88 -7.49 5.56
N GLY A 241 -57.83 -8.14 5.05
CA GLY A 241 -57.34 -7.88 3.72
C GLY A 241 -56.76 -9.13 3.08
N VAL A 242 -56.70 -9.11 1.74
CA VAL A 242 -56.18 -10.21 0.96
C VAL A 242 -54.74 -9.91 0.56
N ALA A 243 -53.87 -10.90 0.72
CA ALA A 243 -52.47 -10.79 0.32
C ALA A 243 -52.41 -10.82 -1.20
N VAL A 244 -52.11 -9.67 -1.80
CA VAL A 244 -52.04 -9.58 -3.26
C VAL A 244 -50.59 -9.75 -3.73
N TYR A 245 -49.66 -9.05 -3.09
CA TYR A 245 -48.25 -9.20 -3.35
C TYR A 245 -47.54 -9.61 -2.07
N THR A 246 -46.62 -10.56 -2.20
CA THR A 246 -45.85 -11.06 -1.07
C THR A 246 -44.41 -10.56 -1.17
N GLY A 247 -43.56 -10.98 -0.25
CA GLY A 247 -42.22 -10.42 -0.14
C GLY A 247 -41.39 -10.68 -1.39
N MET A 248 -40.46 -9.74 -1.63
CA MET A 248 -39.65 -9.61 -2.83
C MET A 248 -40.48 -9.20 -4.04
N GLU A 249 -41.81 -9.12 -3.90
CA GLU A 249 -42.66 -8.47 -4.88
C GLU A 249 -43.51 -7.37 -4.26
N THR A 250 -43.43 -7.16 -2.95
CA THR A 250 -44.11 -6.03 -2.33
C THR A 250 -43.44 -4.73 -2.75
N LYS A 251 -44.19 -3.63 -2.68
CA LYS A 251 -43.68 -2.33 -3.10
C LYS A 251 -42.52 -1.91 -2.21
N MET A 252 -42.54 -2.32 -0.94
CA MET A 252 -41.43 -2.05 -0.04
C MET A 252 -40.16 -2.78 -0.46
N ALA A 253 -40.27 -4.03 -0.88
CA ALA A 253 -39.11 -4.79 -1.33
C ALA A 253 -38.62 -4.39 -2.71
N LEU A 254 -39.51 -3.90 -3.58
CA LEU A 254 -39.12 -3.42 -4.89
C LEU A 254 -38.41 -2.07 -4.83
N ASN A 255 -38.49 -1.37 -3.69
CA ASN A 255 -37.82 -0.09 -3.52
C ASN A 255 -36.55 -0.24 -2.70
N TYR A 256 -36.11 -1.49 -2.48
CA TYR A 256 -34.98 -1.76 -1.61
C TYR A 256 -33.63 -1.75 -2.33
N GLN A 257 -33.56 -2.26 -3.54
CA GLN A 257 -32.29 -2.36 -4.29
C GLN A 257 -31.36 -3.29 -3.50
N GLY A 258 -30.15 -2.86 -3.17
CA GLY A 258 -29.25 -3.70 -2.40
C GLY A 258 -27.89 -3.05 -2.29
N LYS A 259 -27.11 -3.58 -1.34
CA LYS A 259 -25.78 -3.05 -1.08
C LYS A 259 -24.76 -3.62 -2.07
N SER A 260 -24.00 -2.73 -2.68
CA SER A 260 -22.88 -3.08 -3.53
C SER A 260 -21.58 -2.83 -2.76
N GLN A 261 -20.50 -3.46 -3.22
CA GLN A 261 -19.21 -3.29 -2.59
C GLN A 261 -18.74 -1.85 -2.74
N LYS A 262 -18.56 -1.17 -1.61
CA LYS A 262 -18.19 0.24 -1.60
C LYS A 262 -16.67 0.38 -1.56
N ARG A 263 -16.12 1.13 -2.50
CA ARG A 263 -14.70 1.38 -2.57
C ARG A 263 -14.43 2.88 -2.56
N SER A 264 -13.49 3.30 -1.73
CA SER A 264 -13.14 4.70 -1.62
C SER A 264 -12.20 5.08 -2.77
N ALA A 265 -12.01 6.38 -3.00
CA ALA A 265 -11.13 6.85 -4.05
C ALA A 265 -9.68 6.48 -3.81
N VAL A 266 -9.24 6.49 -2.55
CA VAL A 266 -7.89 6.03 -2.22
C VAL A 266 -7.72 4.56 -2.58
N GLU A 267 -8.73 3.73 -2.31
CA GLU A 267 -8.67 2.32 -2.64
C GLU A 267 -8.57 2.06 -4.13
N LYS A 268 -9.26 2.84 -4.96
CA LYS A 268 -9.14 2.71 -6.41
C LYS A 268 -7.85 3.30 -6.95
N SER A 269 -7.29 4.32 -6.30
CA SER A 269 -5.99 4.83 -6.69
C SER A 269 -4.88 3.85 -6.35
N ILE A 270 -5.05 3.09 -5.27
CA ILE A 270 -4.08 2.08 -4.90
C ILE A 270 -3.98 1.02 -5.99
N ASN A 271 -5.12 0.66 -6.60
CA ASN A 271 -5.13 -0.30 -7.70
C ASN A 271 -4.35 0.20 -8.91
N ALA A 272 -4.53 1.46 -9.30
CA ALA A 272 -3.76 2.04 -10.40
C ALA A 272 -2.27 2.10 -10.09
N PHE A 273 -1.93 2.50 -8.86
CA PHE A 273 -0.54 2.50 -8.42
C PHE A 273 0.06 1.10 -8.47
N LEU A 274 -0.68 0.09 -8.04
CA LEU A 274 -0.22 -1.29 -8.10
C LEU A 274 -0.06 -1.81 -9.52
N ILE A 275 -0.96 -1.45 -10.44
CA ILE A 275 -0.79 -1.85 -11.83
C ILE A 275 0.44 -1.19 -12.47
N VAL A 276 0.67 0.10 -12.18
CA VAL A 276 1.86 0.77 -12.70
C VAL A 276 3.12 0.08 -12.21
N TYR A 277 3.18 -0.23 -10.91
CA TYR A 277 4.35 -0.90 -10.36
C TYR A 277 4.46 -2.36 -10.78
N LEU A 278 3.34 -3.01 -11.10
CA LEU A 278 3.39 -4.34 -11.69
C LEU A 278 4.05 -4.30 -13.07
N PHE A 279 3.69 -3.33 -13.89
CA PHE A 279 4.38 -3.13 -15.16
C PHE A 279 5.85 -2.79 -14.97
N ILE A 280 6.18 -1.96 -13.98
CA ILE A 280 7.58 -1.65 -13.68
C ILE A 280 8.34 -2.92 -13.27
N LEU A 281 7.74 -3.74 -12.42
CA LEU A 281 8.36 -4.99 -11.98
C LEU A 281 8.57 -5.97 -13.13
N LEU A 282 7.56 -6.12 -14.00
CA LEU A 282 7.71 -6.97 -15.17
C LEU A 282 8.78 -6.45 -16.12
N THR A 283 8.86 -5.14 -16.34
CA THR A 283 9.91 -4.59 -17.18
C THR A 283 11.29 -4.83 -16.57
N LYS A 284 11.42 -4.64 -15.26
CA LYS A 284 12.69 -4.92 -14.60
C LYS A 284 13.11 -6.38 -14.78
N ALA A 285 12.18 -7.30 -14.52
CA ALA A 285 12.48 -8.72 -14.65
C ALA A 285 12.84 -9.11 -16.08
N ALA A 286 12.07 -8.61 -17.07
CA ALA A 286 12.36 -8.89 -18.46
C ALA A 286 13.68 -8.32 -18.94
N VAL A 287 14.00 -7.08 -18.56
CA VAL A 287 15.29 -6.49 -18.91
C VAL A 287 16.42 -7.28 -18.29
N CYS A 288 16.29 -7.66 -17.02
CA CYS A 288 17.33 -8.44 -16.36
C CYS A 288 17.51 -9.81 -17.01
N THR A 289 16.43 -10.49 -17.36
CA THR A 289 16.56 -11.80 -18.02
C THR A 289 17.20 -11.68 -19.40
N THR A 290 16.76 -10.70 -20.20
CA THR A 290 17.33 -10.51 -21.52
C THR A 290 18.82 -10.19 -21.43
N LEU A 291 19.20 -9.28 -20.53
CA LEU A 291 20.61 -8.94 -20.39
C LEU A 291 21.41 -10.10 -19.82
N LYS A 292 20.81 -10.89 -18.93
CA LYS A 292 21.49 -12.08 -18.42
C LYS A 292 21.83 -13.05 -19.53
N TYR A 293 20.88 -13.35 -20.40
CA TYR A 293 21.13 -14.32 -21.46
C TYR A 293 21.90 -13.74 -22.64
N VAL A 294 21.95 -12.41 -22.78
CA VAL A 294 22.92 -11.81 -23.69
C VAL A 294 24.34 -11.92 -23.11
N TRP A 295 24.49 -11.67 -21.81
CA TRP A 295 25.79 -11.76 -21.15
C TRP A 295 26.33 -13.18 -21.14
N GLN A 296 25.48 -14.18 -20.92
CA GLN A 296 25.91 -15.56 -20.89
C GLN A 296 26.23 -16.14 -22.25
N SER A 297 25.95 -15.42 -23.33
CA SER A 297 26.27 -15.92 -24.67
C SER A 297 27.77 -16.10 -24.85
N THR A 298 28.59 -15.29 -24.19
CA THR A 298 30.02 -15.48 -24.19
C THR A 298 30.36 -16.73 -23.39
N PRO A 299 31.13 -17.67 -23.95
CA PRO A 299 31.38 -18.94 -23.24
C PRO A 299 32.05 -18.76 -21.88
N TYR A 300 32.91 -17.76 -21.71
CA TYR A 300 33.61 -17.59 -20.45
C TYR A 300 32.87 -16.70 -19.46
N ASN A 301 31.72 -16.14 -19.85
CA ASN A 301 30.91 -15.40 -18.89
C ASN A 301 30.16 -16.31 -17.93
N ASP A 302 29.65 -17.43 -18.41
CA ASP A 302 29.13 -18.48 -17.55
C ASP A 302 30.16 -19.60 -17.50
N GLU A 303 30.47 -20.06 -16.29
CA GLU A 303 31.45 -21.10 -16.04
C GLU A 303 32.86 -20.69 -16.47
N PRO A 304 33.45 -19.64 -15.85
CA PRO A 304 34.85 -19.29 -16.11
C PRO A 304 35.84 -19.98 -15.17
N TRP A 305 35.66 -21.29 -15.00
CA TRP A 305 36.55 -22.19 -14.27
C TRP A 305 36.65 -21.89 -12.78
N TYR A 306 36.14 -20.74 -12.32
CA TYR A 306 36.21 -20.44 -10.89
C TYR A 306 34.88 -20.54 -10.18
N ASN A 307 33.76 -20.37 -10.89
CA ASN A 307 32.49 -20.92 -10.44
C ASN A 307 31.87 -21.71 -11.60
N GLN A 308 31.91 -23.03 -11.47
CA GLN A 308 31.40 -23.93 -12.49
C GLN A 308 30.09 -24.53 -12.01
N LYS A 309 29.26 -24.90 -12.98
CA LYS A 309 27.95 -25.43 -12.67
C LYS A 309 28.03 -26.94 -12.45
N THR A 310 27.04 -27.46 -11.73
CA THR A 310 26.88 -28.89 -11.58
C THR A 310 26.38 -29.48 -12.89
N GLN A 311 26.45 -30.81 -13.02
CA GLN A 311 25.86 -31.48 -14.16
C GLN A 311 24.36 -31.26 -14.25
N LYS A 312 23.69 -31.08 -13.11
CA LYS A 312 22.25 -30.82 -13.12
C LYS A 312 21.94 -29.45 -13.73
N GLU A 313 22.67 -28.42 -13.30
CA GLU A 313 22.47 -27.09 -13.87
C GLU A 313 22.79 -27.07 -15.35
N ARG A 314 23.83 -27.80 -15.77
CA ARG A 314 24.16 -27.88 -17.19
C ARG A 314 23.11 -28.65 -17.97
N GLU A 315 22.49 -29.66 -17.37
CA GLU A 315 21.48 -30.47 -18.05
C GLU A 315 20.09 -29.84 -18.05
N THR A 316 19.85 -28.83 -17.20
CA THR A 316 18.54 -28.19 -17.14
C THR A 316 18.19 -27.59 -18.49
N LEU A 317 16.94 -27.77 -18.92
CA LEU A 317 16.52 -27.36 -20.24
C LEU A 317 16.62 -25.85 -20.40
N LYS A 318 17.02 -25.43 -21.60
CA LYS A 318 17.30 -24.02 -21.86
C LYS A 318 16.07 -23.15 -21.66
N VAL A 319 14.95 -23.52 -22.30
CA VAL A 319 13.73 -22.72 -22.19
C VAL A 319 13.13 -22.76 -20.80
N LEU A 320 13.32 -23.83 -20.05
CA LEU A 320 12.88 -23.88 -18.66
C LEU A 320 13.72 -22.99 -17.76
N LYS A 321 15.04 -22.94 -17.98
CA LYS A 321 15.90 -22.10 -17.17
C LYS A 321 15.66 -20.62 -17.40
N MET A 322 15.30 -20.20 -18.62
CA MET A 322 14.95 -18.80 -18.84
C MET A 322 13.72 -18.40 -18.05
N PHE A 323 12.69 -19.26 -18.06
CA PHE A 323 11.49 -18.98 -17.28
C PHE A 323 11.78 -18.97 -15.79
N THR A 324 12.60 -19.90 -15.32
CA THR A 324 13.00 -19.91 -13.92
C THR A 324 13.78 -18.65 -13.53
N ASP A 325 14.69 -18.19 -14.39
CA ASP A 325 15.43 -16.97 -14.11
C ASP A 325 14.53 -15.76 -14.09
N PHE A 326 13.56 -15.70 -15.01
CA PHE A 326 12.59 -14.60 -14.99
C PHE A 326 11.79 -14.61 -13.68
N LEU A 327 11.35 -15.79 -13.26
CA LEU A 327 10.63 -15.92 -11.99
C LEU A 327 11.49 -15.50 -10.80
N SER A 328 12.77 -15.87 -10.81
CA SER A 328 13.67 -15.47 -9.73
C SER A 328 13.93 -13.98 -9.69
N PHE A 329 14.13 -13.32 -10.84
CA PHE A 329 14.19 -11.87 -10.87
C PHE A 329 12.90 -11.23 -10.38
N MET A 330 11.75 -11.81 -10.72
CA MET A 330 10.46 -11.37 -10.19
C MET A 330 10.43 -11.36 -8.67
N VAL A 331 10.88 -12.43 -8.03
CA VAL A 331 10.86 -12.55 -6.58
C VAL A 331 11.88 -11.61 -5.96
N LEU A 332 13.05 -11.48 -6.60
CA LEU A 332 14.07 -10.57 -6.13
C LEU A 332 13.67 -9.11 -6.17
N PHE A 333 12.92 -8.68 -7.19
CA PHE A 333 12.45 -7.30 -7.27
C PHE A 333 11.03 -7.12 -6.76
N ASN A 334 10.42 -8.16 -6.20
CA ASN A 334 9.00 -8.16 -5.83
C ASN A 334 8.67 -7.19 -4.69
N PHE A 335 9.59 -6.60 -3.95
CA PHE A 335 9.26 -5.75 -2.81
C PHE A 335 8.68 -4.40 -3.23
N ILE A 336 8.76 -4.03 -4.51
CA ILE A 336 8.24 -2.73 -4.94
C ILE A 336 6.72 -2.67 -4.91
N ILE A 337 6.05 -3.81 -4.84
CA ILE A 337 4.62 -3.88 -4.55
C ILE A 337 4.47 -4.38 -3.12
N PRO A 338 4.38 -3.48 -2.13
CA PRO A 338 4.47 -3.89 -0.72
C PRO A 338 3.20 -4.59 -0.26
N VAL A 339 3.36 -5.84 0.20
CA VAL A 339 2.26 -6.53 0.87
C VAL A 339 2.05 -6.01 2.28
N SER A 340 3.06 -5.38 2.88
CA SER A 340 2.93 -4.74 4.18
C SER A 340 2.06 -3.48 4.11
N MET A 341 1.93 -2.87 2.93
CA MET A 341 1.08 -1.70 2.80
C MET A 341 -0.38 -2.05 3.10
N TYR A 342 -0.83 -3.21 2.62
CA TYR A 342 -2.22 -3.62 2.87
C TYR A 342 -2.45 -3.90 4.35
N VAL A 343 -1.49 -4.57 5.01
CA VAL A 343 -1.61 -4.83 6.43
C VAL A 343 -1.67 -3.51 7.21
N THR A 344 -0.77 -2.58 6.88
CA THR A 344 -0.76 -1.28 7.55
C THR A 344 -2.05 -0.52 7.29
N VAL A 345 -2.58 -0.60 6.07
CA VAL A 345 -3.85 0.06 5.76
C VAL A 345 -4.99 -0.51 6.57
N GLU A 346 -5.07 -1.84 6.71
CA GLU A 346 -6.10 -2.42 7.56
C GLU A 346 -5.96 -1.99 9.01
N MET A 347 -4.74 -2.02 9.57
CA MET A 347 -4.57 -1.56 10.94
C MET A 347 -4.97 -0.10 11.10
N GLN A 348 -4.55 0.76 10.19
CA GLN A 348 -4.86 2.18 10.29
C GLN A 348 -6.35 2.43 10.16
N LYS A 349 -7.01 1.74 9.24
CA LYS A 349 -8.45 1.92 9.06
C LYS A 349 -9.21 1.45 10.29
N PHE A 350 -8.81 0.31 10.87
CA PHE A 350 -9.50 -0.17 12.07
C PHE A 350 -9.24 0.73 13.27
N LEU A 351 -8.03 1.25 13.44
CA LEU A 351 -7.70 2.06 14.59
C LEU A 351 -8.08 3.53 14.44
N GLY A 352 -8.45 3.98 13.25
CA GLY A 352 -8.83 5.36 13.04
C GLY A 352 -10.30 5.64 13.29
N SER A 353 -11.13 4.60 13.23
CA SER A 353 -12.56 4.77 13.48
C SER A 353 -12.82 5.13 14.93
N PHE A 354 -11.93 4.73 15.83
CA PHE A 354 -12.07 5.06 17.24
C PHE A 354 -12.03 6.56 17.50
N PHE A 355 -11.39 7.34 16.63
CA PHE A 355 -11.42 8.78 16.76
C PHE A 355 -12.80 9.37 16.49
N ILE A 356 -13.57 8.78 15.58
CA ILE A 356 -14.97 9.12 15.39
C ILE A 356 -15.82 8.64 16.56
N SER A 357 -15.56 7.43 17.05
CA SER A 357 -16.35 6.88 18.14
C SER A 357 -16.16 7.69 19.43
N TRP A 358 -14.92 8.10 19.71
CA TRP A 358 -14.57 8.77 20.95
C TRP A 358 -14.92 10.26 20.96
N ASP A 359 -15.26 10.83 19.82
CA ASP A 359 -15.42 12.27 19.71
C ASP A 359 -16.56 12.76 20.59
N LYS A 360 -16.28 13.77 21.41
CA LYS A 360 -17.27 14.34 22.31
C LYS A 360 -18.15 15.39 21.63
N ASP A 361 -17.78 15.85 20.44
CA ASP A 361 -18.61 16.76 19.68
C ASP A 361 -19.76 16.07 18.97
N PHE A 362 -19.79 14.73 18.98
CA PHE A 362 -20.86 13.99 18.34
C PHE A 362 -21.82 13.43 19.38
N TYR A 363 -21.68 13.85 20.64
CA TYR A 363 -22.46 13.31 21.74
C TYR A 363 -23.74 14.11 21.90
N ASP A 364 -24.84 13.40 22.10
CA ASP A 364 -26.16 14.01 22.30
C ASP A 364 -26.64 13.70 23.71
N GLU A 365 -26.96 14.75 24.47
CA GLU A 365 -27.43 14.55 25.83
C GLU A 365 -28.84 13.95 25.86
N GLU A 366 -29.66 14.32 24.88
CA GLU A 366 -31.05 13.85 24.86
C GLU A 366 -31.12 12.35 24.65
N ILE A 367 -30.35 11.83 23.69
CA ILE A 367 -30.38 10.40 23.38
C ILE A 367 -29.27 9.61 24.05
N ASN A 368 -28.33 10.29 24.72
CA ASN A 368 -27.24 9.65 25.45
C ASN A 368 -26.44 8.72 24.55
N GLU A 369 -26.00 9.27 23.42
CA GLU A 369 -25.25 8.50 22.44
C GLU A 369 -24.37 9.43 21.65
N GLY A 370 -23.34 8.86 21.04
CA GLY A 370 -22.43 9.62 20.20
C GLY A 370 -22.46 9.18 18.75
N ALA A 371 -21.30 9.19 18.09
CA ALA A 371 -21.19 8.71 16.73
C ALA A 371 -20.92 7.21 16.71
N LEU A 372 -21.47 6.55 15.70
CA LEU A 372 -21.34 5.10 15.53
C LEU A 372 -20.68 4.81 14.19
N VAL A 373 -19.69 3.93 14.21
CA VAL A 373 -18.94 3.55 13.02
C VAL A 373 -19.34 2.13 12.66
N ASN A 374 -19.93 1.95 11.48
CA ASN A 374 -20.30 0.63 11.00
C ASN A 374 -19.25 0.03 10.07
N THR A 375 -18.57 0.85 9.28
CA THR A 375 -17.48 0.40 8.43
C THR A 375 -16.26 1.27 8.67
N SER A 376 -15.08 0.65 8.65
CA SER A 376 -13.82 1.38 8.82
C SER A 376 -13.09 1.59 7.51
N ASP A 377 -13.70 1.21 6.38
CA ASP A 377 -13.04 1.23 5.09
C ASP A 377 -13.42 2.44 4.26
N LEU A 378 -14.17 3.38 4.84
CA LEU A 378 -14.65 4.54 4.09
C LEU A 378 -14.30 5.82 4.83
N ASN A 379 -13.29 5.77 5.69
CA ASN A 379 -12.86 6.93 6.46
C ASN A 379 -12.33 8.06 5.57
N GLU A 380 -11.55 7.73 4.55
CA GLU A 380 -11.00 8.74 3.66
C GLU A 380 -12.03 9.31 2.70
N GLU A 381 -13.10 8.57 2.41
CA GLU A 381 -14.16 9.07 1.54
C GLU A 381 -14.92 10.24 2.15
N LEU A 382 -14.90 10.38 3.47
CA LEU A 382 -15.51 11.53 4.13
C LEU A 382 -14.83 12.84 3.80
N GLY A 383 -13.57 12.80 3.37
CA GLY A 383 -12.85 13.98 2.94
C GLY A 383 -12.86 14.25 1.46
N GLN A 384 -13.66 13.52 0.69
CA GLN A 384 -13.70 13.66 -0.76
C GLN A 384 -15.11 13.90 -1.28
N VAL A 385 -16.04 14.23 -0.39
CA VAL A 385 -17.45 14.34 -0.76
C VAL A 385 -17.64 15.51 -1.73
N ASP A 386 -18.40 15.28 -2.79
CA ASP A 386 -18.76 16.31 -3.74
C ASP A 386 -20.24 16.66 -3.73
N TYR A 387 -21.11 15.70 -3.39
CA TYR A 387 -22.55 15.91 -3.43
C TYR A 387 -23.14 15.41 -2.12
N VAL A 388 -24.09 16.16 -1.57
CA VAL A 388 -24.80 15.78 -0.36
C VAL A 388 -26.29 15.67 -0.70
N PHE A 389 -26.86 14.50 -0.45
CA PHE A 389 -28.28 14.24 -0.65
C PHE A 389 -28.93 14.06 0.71
N THR A 390 -29.94 14.87 0.99
CA THR A 390 -30.49 15.00 2.33
C THR A 390 -31.98 14.64 2.35
N ASP A 391 -32.38 13.98 3.43
CA ASP A 391 -33.77 13.83 3.82
C ASP A 391 -34.20 15.10 4.55
N LYS A 392 -35.50 15.37 4.56
CA LYS A 392 -35.97 16.62 5.16
C LYS A 392 -36.59 16.43 6.54
N THR A 393 -37.55 15.52 6.69
CA THR A 393 -38.23 15.31 7.96
C THR A 393 -37.37 14.44 8.85
N GLY A 394 -37.06 14.94 10.05
CA GLY A 394 -36.19 14.26 10.98
C GLY A 394 -34.72 14.53 10.78
N THR A 395 -34.30 14.85 9.56
CA THR A 395 -32.92 15.17 9.26
C THR A 395 -32.70 16.68 9.34
N LEU A 396 -33.45 17.43 8.56
CA LEU A 396 -33.33 18.89 8.55
C LEU A 396 -34.28 19.58 9.52
N THR A 397 -35.39 18.93 9.86
CA THR A 397 -36.42 19.53 10.71
C THR A 397 -36.71 18.62 11.89
N GLU A 398 -37.32 19.18 12.92
CA GLU A 398 -37.75 18.41 14.08
C GLU A 398 -39.19 17.94 13.91
N LYS A 633 -40.38 22.42 13.31
CA LYS A 633 -39.42 23.50 13.13
C LYS A 633 -38.04 22.95 12.79
N LEU A 634 -37.14 23.85 12.39
CA LEU A 634 -35.82 23.45 11.93
C LEU A 634 -35.00 22.85 13.07
N GLN A 635 -33.98 22.09 12.69
CA GLN A 635 -33.08 21.50 13.68
C GLN A 635 -32.11 22.57 14.19
N ASP A 636 -31.14 22.14 15.01
CA ASP A 636 -30.30 23.08 15.73
C ASP A 636 -29.56 24.06 14.81
N GLN A 637 -28.67 23.54 13.98
CA GLN A 637 -27.89 24.37 13.06
C GLN A 637 -28.01 23.84 11.64
N ALA A 638 -29.25 23.59 11.20
CA ALA A 638 -29.47 23.12 9.85
C ALA A 638 -29.03 24.11 8.79
N ALA A 639 -29.33 25.40 8.98
CA ALA A 639 -28.91 26.42 8.03
C ALA A 639 -27.42 26.71 8.08
N GLU A 640 -26.83 26.74 9.28
CA GLU A 640 -25.40 26.92 9.41
C GLU A 640 -24.60 25.77 8.82
N THR A 641 -25.04 24.53 9.03
CA THR A 641 -24.38 23.39 8.40
C THR A 641 -24.45 23.44 6.89
N ILE A 642 -25.60 23.83 6.34
CA ILE A 642 -25.72 23.98 4.89
C ILE A 642 -24.83 25.10 4.36
N GLU A 643 -24.75 26.23 5.07
CA GLU A 643 -23.84 27.29 4.68
C GLU A 643 -22.39 26.83 4.70
N ALA A 644 -22.01 26.08 5.73
CA ALA A 644 -20.66 25.54 5.81
C ALA A 644 -20.36 24.55 4.69
N LEU A 645 -21.32 23.68 4.36
CA LEU A 645 -21.15 22.75 3.24
C LEU A 645 -21.05 23.46 1.90
N HIS A 646 -21.82 24.51 1.67
CA HIS A 646 -21.70 25.32 0.47
C HIS A 646 -20.35 26.03 0.41
N ALA A 647 -19.87 26.54 1.54
CA ALA A 647 -18.56 27.18 1.58
C ALA A 647 -17.44 26.18 1.32
N ALA A 648 -17.68 24.90 1.60
CA ALA A 648 -16.72 23.85 1.33
C ALA A 648 -16.73 23.40 -0.13
N GLY A 649 -17.64 23.92 -0.94
CA GLY A 649 -17.71 23.57 -2.34
C GLY A 649 -18.63 22.43 -2.68
N LEU A 650 -19.53 22.04 -1.78
CA LEU A 650 -20.42 20.92 -2.02
C LEU A 650 -21.79 21.40 -2.50
N LYS A 651 -22.51 20.50 -3.15
CA LYS A 651 -23.87 20.74 -3.62
C LYS A 651 -24.82 19.94 -2.74
N VAL A 652 -25.82 20.61 -2.19
CA VAL A 652 -26.76 19.99 -1.26
C VAL A 652 -28.12 19.88 -1.96
N TRP A 653 -28.58 18.65 -2.14
CA TRP A 653 -29.90 18.37 -2.71
C TRP A 653 -30.78 17.74 -1.64
N VAL A 654 -32.05 18.10 -1.64
CA VAL A 654 -33.02 17.57 -0.69
C VAL A 654 -33.89 16.57 -1.42
N LEU A 655 -33.80 15.31 -1.00
CA LEU A 655 -34.63 14.24 -1.53
C LEU A 655 -35.58 13.79 -0.44
N THR A 656 -36.87 14.11 -0.59
CA THR A 656 -37.85 13.86 0.46
C THR A 656 -39.08 13.17 -0.13
N GLY A 657 -39.75 12.41 0.72
CA GLY A 657 -41.00 11.78 0.34
C GLY A 657 -42.19 12.62 0.73
N ASP A 658 -41.94 13.83 1.23
CA ASP A 658 -43.00 14.75 1.61
C ASP A 658 -43.52 15.52 0.40
N LYS A 659 -44.66 16.17 0.59
CA LYS A 659 -45.27 16.97 -0.46
C LYS A 659 -44.52 18.28 -0.64
N MET A 660 -44.65 18.83 -1.85
CA MET A 660 -43.87 20.01 -2.24
C MET A 660 -44.19 21.23 -1.41
N GLU A 661 -45.45 21.44 -1.02
CA GLU A 661 -45.83 22.66 -0.31
C GLU A 661 -45.04 22.80 0.99
N THR A 662 -44.90 21.71 1.74
CA THR A 662 -44.12 21.74 2.97
C THR A 662 -42.63 21.53 2.74
N ALA A 663 -42.25 20.76 1.72
CA ALA A 663 -40.82 20.56 1.46
C ALA A 663 -40.15 21.85 1.03
N LYS A 664 -40.82 22.66 0.22
CA LYS A 664 -40.31 23.91 -0.31
C LYS A 664 -40.18 24.99 0.76
N SER A 665 -41.11 25.03 1.71
CA SER A 665 -41.00 25.97 2.82
C SER A 665 -39.77 25.65 3.67
N THR A 666 -39.48 24.37 3.86
CA THR A 666 -38.29 23.97 4.62
C THR A 666 -37.02 24.40 3.91
N CYS A 667 -36.98 24.24 2.59
CA CYS A 667 -35.83 24.69 1.82
C CYS A 667 -35.70 26.22 1.87
N TYR A 668 -36.82 26.94 1.91
CA TYR A 668 -36.75 28.38 2.09
C TYR A 668 -36.31 28.75 3.50
N ALA A 669 -36.67 27.96 4.51
CA ALA A 669 -36.25 28.22 5.88
C ALA A 669 -34.80 27.85 6.14
N CYS A 670 -34.26 26.88 5.42
CA CYS A 670 -32.86 26.47 5.56
C CYS A 670 -31.91 27.33 4.75
N ARG A 671 -32.39 28.43 4.18
CA ARG A 671 -31.66 29.32 3.29
C ARG A 671 -31.17 28.61 2.03
N LEU A 672 -31.66 27.41 1.75
CA LEU A 672 -31.34 26.71 0.52
C LEU A 672 -31.94 27.38 -0.70
N PHE A 673 -33.11 28.00 -0.54
CA PHE A 673 -33.75 28.80 -1.58
C PHE A 673 -33.79 30.24 -1.08
N GLN A 674 -33.10 31.13 -1.78
CA GLN A 674 -33.06 32.53 -1.35
C GLN A 674 -34.27 33.28 -1.87
N THR A 675 -34.40 34.53 -1.43
CA THR A 675 -35.50 35.37 -1.89
C THR A 675 -35.39 35.66 -3.38
N ASN A 676 -34.19 36.00 -3.83
CA ASN A 676 -33.95 36.21 -5.26
C ASN A 676 -33.45 34.93 -5.94
N THR A 677 -34.17 33.84 -5.71
CA THR A 677 -33.91 32.56 -6.36
C THR A 677 -35.14 32.20 -7.18
N GLU A 678 -34.95 32.03 -8.49
CA GLU A 678 -36.07 31.76 -9.37
C GLU A 678 -36.23 30.26 -9.53
N LEU A 679 -37.43 29.76 -9.23
CA LEU A 679 -37.67 28.33 -9.18
C LEU A 679 -38.13 27.83 -10.54
N LEU A 680 -37.46 26.79 -11.04
CA LEU A 680 -37.88 26.08 -12.25
C LEU A 680 -38.61 24.83 -11.80
N GLU A 681 -39.94 24.88 -11.82
CA GLU A 681 -40.76 23.79 -11.28
C GLU A 681 -41.15 22.82 -12.38
N LEU A 682 -40.72 21.57 -12.21
CA LEU A 682 -41.12 20.48 -13.09
C LEU A 682 -42.11 19.55 -12.41
N THR A 683 -42.92 20.08 -11.49
CA THR A 683 -43.86 19.26 -10.76
C THR A 683 -45.09 18.95 -11.62
N THR A 684 -46.10 18.37 -10.96
CA THR A 684 -47.30 17.90 -11.68
C THR A 684 -48.27 19.01 -12.04
N LYS A 685 -48.13 20.22 -11.49
CA LYS A 685 -49.01 21.31 -11.91
C LYS A 685 -48.51 21.97 -13.19
N THR A 686 -47.21 22.20 -13.28
CA THR A 686 -46.63 22.81 -14.48
C THR A 686 -46.65 21.83 -15.65
N ILE A 687 -46.36 20.55 -15.37
CA ILE A 687 -46.47 19.52 -16.39
C ILE A 687 -47.94 19.15 -16.56
N GLU A 688 -48.38 19.08 -17.81
CA GLU A 688 -49.75 18.73 -18.12
C GLU A 688 -49.79 17.43 -18.92
N GLU A 689 -49.07 16.43 -18.43
CA GLU A 689 -48.85 15.10 -19.04
C GLU A 689 -48.41 15.32 -20.49
N SER A 690 -48.70 14.36 -21.35
CA SER A 690 -48.35 14.42 -22.78
C SER A 690 -46.84 14.63 -22.91
N GLU A 691 -46.42 15.43 -23.89
CA GLU A 691 -45.01 15.69 -24.17
C GLU A 691 -44.66 17.14 -23.84
N ARG A 692 -45.48 17.76 -22.98
CA ARG A 692 -45.18 19.10 -22.51
C ARG A 692 -43.87 19.14 -21.73
N LYS A 693 -43.48 18.02 -21.12
CA LYS A 693 -42.20 17.95 -20.44
C LYS A 693 -41.03 18.12 -21.40
N GLU A 694 -41.17 17.64 -22.64
CA GLU A 694 -40.18 17.92 -23.67
C GLU A 694 -39.99 19.42 -23.86
N ASP A 695 -41.09 20.15 -24.00
CA ASP A 695 -41.00 21.60 -24.15
C ASP A 695 -40.40 22.24 -22.90
N ARG A 696 -40.79 21.74 -21.73
CA ARG A 696 -40.30 22.32 -20.48
C ARG A 696 -38.79 22.17 -20.36
N LEU A 697 -38.27 20.98 -20.65
CA LEU A 697 -36.83 20.73 -20.50
C LEU A 697 -36.01 21.56 -21.47
N HIS A 698 -36.43 21.64 -22.75
CA HIS A 698 -35.73 22.49 -23.70
C HIS A 698 -35.82 23.96 -23.34
N GLU A 699 -36.99 24.43 -22.92
CA GLU A 699 -37.14 25.81 -22.51
C GLU A 699 -36.29 26.16 -21.31
N LEU A 700 -36.05 25.20 -20.40
CA LEU A 700 -35.24 25.46 -19.23
C LEU A 700 -33.74 25.29 -19.47
N LEU A 701 -33.33 24.42 -20.39
CA LEU A 701 -31.90 24.23 -20.64
C LEU A 701 -31.40 25.10 -21.79
N ILE A 702 -31.99 24.94 -22.98
CA ILE A 702 -31.45 25.58 -24.19
C ILE A 702 -31.57 27.10 -24.16
N GLU A 703 -32.61 27.64 -23.52
CA GLU A 703 -32.87 29.07 -23.62
C GLU A 703 -33.11 29.77 -22.28
N TYR A 704 -32.85 29.11 -21.14
CA TYR A 704 -33.14 29.75 -19.87
C TYR A 704 -31.96 29.76 -18.91
N ARG A 705 -31.20 28.66 -18.88
CA ARG A 705 -30.25 28.45 -17.80
C ARG A 705 -28.83 28.39 -18.36
N LYS A 706 -28.69 27.99 -19.62
CA LYS A 706 -27.39 27.94 -20.27
C LYS A 706 -26.77 29.32 -20.46
N LYS A 707 -27.53 30.39 -20.30
CA LYS A 707 -27.00 31.74 -20.34
C LYS A 707 -26.44 32.14 -18.98
N GLU A 728 -29.10 31.43 -8.84
CA GLU A 728 -30.34 32.16 -9.03
C GLU A 728 -31.49 31.22 -9.35
N TYR A 729 -31.15 30.02 -9.82
CA TYR A 729 -32.15 29.06 -10.26
C TYR A 729 -32.16 27.83 -9.36
N GLY A 730 -33.35 27.52 -8.84
CA GLY A 730 -33.52 26.32 -8.04
C GLY A 730 -34.56 25.40 -8.65
N LEU A 731 -34.19 24.15 -8.89
CA LEU A 731 -35.07 23.20 -9.55
C LEU A 731 -35.94 22.46 -8.54
N ILE A 732 -37.21 22.31 -8.90
CA ILE A 732 -38.16 21.55 -8.10
C ILE A 732 -38.78 20.48 -9.00
N ILE A 733 -38.59 19.21 -8.63
CA ILE A 733 -39.05 18.08 -9.40
C ILE A 733 -39.95 17.23 -8.51
N ASP A 734 -40.95 16.61 -9.12
CA ASP A 734 -41.89 15.75 -8.43
C ASP A 734 -41.54 14.30 -8.73
N GLY A 735 -41.98 13.40 -7.85
CA GLY A 735 -41.74 11.98 -8.07
C GLY A 735 -42.38 11.46 -9.34
N SER A 736 -43.62 11.89 -9.62
CA SER A 736 -44.30 11.45 -10.84
C SER A 736 -43.55 11.91 -12.09
N THR A 737 -43.07 13.15 -12.09
CA THR A 737 -42.35 13.67 -13.24
C THR A 737 -40.98 13.03 -13.40
N LEU A 738 -40.29 12.78 -12.28
CA LEU A 738 -39.05 12.01 -12.34
C LEU A 738 -39.29 10.61 -12.88
N SER A 739 -40.43 10.00 -12.55
CA SER A 739 -40.76 8.71 -13.13
C SER A 739 -40.85 8.79 -14.65
N LEU A 740 -41.50 9.81 -15.19
CA LEU A 740 -41.54 9.98 -16.64
C LEU A 740 -40.15 10.18 -17.23
N ILE A 741 -39.37 11.08 -16.62
CA ILE A 741 -38.03 11.38 -17.14
C ILE A 741 -37.17 10.13 -17.17
N LEU A 742 -37.28 9.28 -16.13
CA LEU A 742 -36.39 8.13 -16.03
C LEU A 742 -36.88 6.96 -16.87
N ASN A 743 -38.15 6.56 -16.69
CA ASN A 743 -38.66 5.41 -17.42
C ASN A 743 -38.75 5.69 -18.92
N SER A 744 -38.92 6.95 -19.31
CA SER A 744 -38.96 7.32 -20.72
C SER A 744 -37.66 7.95 -21.20
N SER A 745 -36.52 7.49 -20.69
CA SER A 745 -35.21 7.95 -21.13
C SER A 745 -34.50 6.96 -22.02
N GLN A 746 -35.11 5.80 -22.29
CA GLN A 746 -34.52 4.77 -23.13
C GLN A 746 -35.21 4.67 -24.49
N ASP A 747 -35.93 5.72 -24.91
CA ASP A 747 -36.64 5.73 -26.17
C ASP A 747 -35.95 6.58 -27.23
N SER A 748 -35.37 7.71 -26.83
CA SER A 748 -34.77 8.66 -27.75
C SER A 748 -33.28 8.80 -27.47
N SER A 749 -32.52 9.09 -28.53
CA SER A 749 -31.09 9.33 -28.42
C SER A 749 -30.65 10.69 -28.95
N SER A 750 -31.51 11.39 -29.71
CA SER A 750 -31.15 12.69 -30.23
C SER A 750 -31.03 13.73 -29.12
N ASN A 751 -31.99 13.76 -28.20
CA ASN A 751 -31.99 14.67 -27.06
C ASN A 751 -32.51 13.89 -25.86
N ASN A 752 -31.59 13.45 -25.00
CA ASN A 752 -31.94 12.59 -23.88
C ASN A 752 -32.61 13.38 -22.77
N TYR A 753 -33.75 12.87 -22.29
CA TYR A 753 -34.42 13.46 -21.14
C TYR A 753 -33.47 13.52 -19.94
N LYS A 754 -32.80 12.39 -19.65
CA LYS A 754 -31.91 12.32 -18.50
C LYS A 754 -30.76 13.30 -18.59
N SER A 755 -30.09 13.38 -19.74
CA SER A 755 -28.98 14.31 -19.91
C SER A 755 -29.44 15.76 -19.82
N ILE A 756 -30.54 16.10 -20.49
CA ILE A 756 -31.04 17.47 -20.44
C ILE A 756 -31.41 17.87 -19.03
N PHE A 757 -32.11 16.99 -18.31
CA PHE A 757 -32.49 17.26 -16.93
C PHE A 757 -31.28 17.34 -16.00
N LEU A 758 -30.26 16.52 -16.22
CA LEU A 758 -29.06 16.57 -15.40
C LEU A 758 -28.26 17.83 -15.62
N GLN A 759 -28.23 18.35 -16.85
CA GLN A 759 -27.57 19.64 -17.07
C GLN A 759 -28.24 20.75 -16.29
N ILE A 760 -29.58 20.80 -16.32
CA ILE A 760 -30.32 21.78 -15.54
C ILE A 760 -30.05 21.61 -14.06
N CYS A 761 -30.02 20.37 -13.57
CA CYS A 761 -29.71 20.13 -12.16
C CYS A 761 -28.32 20.64 -11.80
N MET A 762 -27.32 20.37 -12.64
CA MET A 762 -25.96 20.82 -12.37
C MET A 762 -25.82 22.34 -12.43
N LYS A 763 -26.64 23.01 -13.22
CA LYS A 763 -26.56 24.45 -13.33
C LYS A 763 -27.46 25.18 -12.33
N CYS A 764 -28.12 24.46 -11.44
CA CYS A 764 -29.00 25.04 -10.43
C CYS A 764 -28.28 25.11 -9.08
N THR A 765 -28.62 26.14 -8.29
CA THR A 765 -27.98 26.31 -6.99
C THR A 765 -28.40 25.21 -6.02
N ALA A 766 -29.67 24.81 -6.06
CA ALA A 766 -30.17 23.73 -5.24
C ALA A 766 -31.27 22.99 -5.99
N VAL A 767 -31.46 21.72 -5.62
CA VAL A 767 -32.45 20.86 -6.26
C VAL A 767 -33.31 20.25 -5.16
N LEU A 768 -34.63 20.35 -5.33
CA LEU A 768 -35.60 19.77 -4.41
C LEU A 768 -36.36 18.68 -5.14
N CYS A 769 -36.31 17.46 -4.60
CA CYS A 769 -37.07 16.33 -5.12
C CYS A 769 -38.09 15.92 -4.07
N CYS A 770 -39.37 16.11 -4.38
CA CYS A 770 -40.45 15.89 -3.42
C CYS A 770 -41.35 14.77 -3.89
N ARG A 771 -42.09 14.21 -2.93
CA ARG A 771 -43.01 13.10 -3.16
C ARG A 771 -42.24 11.97 -3.84
N MET A 772 -41.10 11.60 -3.29
CA MET A 772 -40.24 10.58 -3.87
C MET A 772 -40.57 9.21 -3.26
N ALA A 773 -39.97 8.17 -3.82
CA ALA A 773 -40.09 6.82 -3.32
C ALA A 773 -38.70 6.38 -2.88
N PRO A 774 -38.56 5.36 -2.02
CA PRO A 774 -37.23 4.96 -1.56
C PRO A 774 -36.26 4.61 -2.68
N LEU A 775 -36.73 3.98 -3.76
CA LEU A 775 -35.88 3.65 -4.89
C LEU A 775 -35.62 4.85 -5.79
N GLN A 776 -36.58 5.77 -5.92
CA GLN A 776 -36.39 7.00 -6.68
C GLN A 776 -35.29 7.88 -6.08
N LYS A 777 -35.07 7.77 -4.78
CA LYS A 777 -34.02 8.50 -4.11
C LYS A 777 -32.63 7.95 -4.37
N ALA A 778 -32.49 6.62 -4.50
CA ALA A 778 -31.24 6.02 -4.94
C ALA A 778 -31.01 6.17 -6.43
N GLN A 779 -32.08 6.24 -7.23
CA GLN A 779 -31.96 6.51 -8.66
C GLN A 779 -31.38 7.88 -8.96
N ILE A 780 -31.71 8.89 -8.16
CA ILE A 780 -31.11 10.22 -8.29
C ILE A 780 -29.62 10.18 -7.98
N VAL A 781 -29.23 9.47 -6.91
CA VAL A 781 -27.83 9.36 -6.55
C VAL A 781 -27.04 8.62 -7.65
N ARG A 782 -27.66 7.58 -8.24
CA ARG A 782 -27.00 6.88 -9.32
C ARG A 782 -26.77 7.78 -10.53
N MET A 783 -27.70 8.69 -10.81
CA MET A 783 -27.53 9.65 -11.90
C MET A 783 -26.31 10.54 -11.71
N VAL A 784 -26.14 11.09 -10.51
CA VAL A 784 -24.98 11.91 -10.21
C VAL A 784 -23.69 11.11 -10.18
N LYS A 785 -23.72 9.87 -9.68
CA LYS A 785 -22.54 9.02 -9.69
C LYS A 785 -22.05 8.71 -11.10
N ASN A 786 -22.90 8.83 -12.11
CA ASN A 786 -22.54 8.45 -13.47
C ASN A 786 -22.37 9.68 -14.36
N LEU A 787 -21.82 10.76 -13.81
CA LEU A 787 -21.54 11.97 -14.55
C LEU A 787 -20.15 11.88 -15.16
N LYS A 788 -19.78 12.92 -15.91
CA LYS A 788 -18.42 13.02 -16.42
C LYS A 788 -17.49 13.42 -15.28
N GLY A 789 -16.49 12.60 -15.01
CA GLY A 789 -15.78 12.69 -13.75
C GLY A 789 -16.57 11.91 -12.72
N SER A 790 -15.96 11.57 -11.59
CA SER A 790 -16.69 10.76 -10.62
C SER A 790 -16.95 11.58 -9.37
N PRO A 791 -18.12 12.22 -9.24
CA PRO A 791 -18.46 12.89 -7.99
C PRO A 791 -18.69 11.89 -6.88
N ILE A 792 -18.13 12.16 -5.71
CA ILE A 792 -18.36 11.33 -4.53
C ILE A 792 -19.62 11.84 -3.85
N THR A 793 -20.59 10.95 -3.66
CA THR A 793 -21.92 11.31 -3.20
C THR A 793 -22.11 10.87 -1.76
N LEU A 794 -22.72 11.74 -0.96
CA LEU A 794 -23.06 11.45 0.43
C LEU A 794 -24.56 11.52 0.60
N SER A 795 -25.12 10.54 1.31
CA SER A 795 -26.54 10.50 1.62
C SER A 795 -26.72 10.45 3.13
N ILE A 796 -27.64 11.26 3.64
CA ILE A 796 -27.92 11.34 5.07
C ILE A 796 -29.43 11.29 5.27
N GLY A 797 -29.87 10.48 6.23
CA GLY A 797 -31.28 10.34 6.52
C GLY A 797 -31.47 9.63 7.84
N ASP A 798 -32.71 9.67 8.33
CA ASP A 798 -33.01 9.10 9.64
C ASP A 798 -33.96 7.90 9.57
N GLY A 799 -34.63 7.67 8.45
CA GLY A 799 -35.60 6.60 8.39
C GLY A 799 -35.31 5.50 7.40
N ALA A 800 -36.12 4.44 7.43
CA ALA A 800 -36.02 3.35 6.47
C ALA A 800 -36.38 3.80 5.06
N ASN A 801 -37.09 4.91 4.92
CA ASN A 801 -37.36 5.49 3.61
C ASN A 801 -36.08 5.93 2.93
N ASP A 802 -35.03 6.19 3.71
CA ASP A 802 -33.75 6.67 3.19
C ASP A 802 -32.68 5.58 3.16
N VAL A 803 -33.04 4.33 3.42
CA VAL A 803 -32.07 3.24 3.40
C VAL A 803 -31.51 2.98 2.00
N SER A 804 -32.35 2.99 0.97
CA SER A 804 -31.89 2.71 -0.39
C SER A 804 -30.89 3.73 -0.91
N MET A 805 -31.10 5.02 -0.66
CA MET A 805 -30.16 6.02 -1.14
C MET A 805 -28.88 6.02 -0.30
N ILE A 806 -28.97 5.64 0.98
CA ILE A 806 -27.80 5.44 1.80
C ILE A 806 -26.95 4.29 1.31
N LEU A 807 -27.56 3.18 0.92
CA LEU A 807 -26.84 2.03 0.39
C LEU A 807 -26.29 2.27 -1.01
N GLU A 808 -26.75 3.30 -1.71
CA GLU A 808 -26.33 3.59 -3.08
C GLU A 808 -25.15 4.56 -3.14
N SER A 809 -25.11 5.53 -2.24
CA SER A 809 -24.11 6.59 -2.28
C SER A 809 -22.74 6.05 -1.91
N HIS A 810 -21.70 6.84 -2.18
CA HIS A 810 -20.33 6.48 -1.81
C HIS A 810 -20.16 6.39 -0.30
N VAL A 811 -20.75 7.32 0.45
CA VAL A 811 -20.77 7.29 1.90
C VAL A 811 -22.21 7.52 2.34
N GLY A 812 -22.74 6.62 3.15
CA GLY A 812 -24.08 6.74 3.68
C GLY A 812 -24.04 7.06 5.17
N ILE A 813 -24.77 8.09 5.55
CA ILE A 813 -24.81 8.58 6.93
C ILE A 813 -26.21 8.37 7.48
N GLY A 814 -26.29 7.71 8.63
CA GLY A 814 -27.57 7.54 9.31
C GLY A 814 -27.71 8.48 10.47
N ILE A 815 -28.95 8.73 10.90
CA ILE A 815 -29.23 9.60 12.05
C ILE A 815 -30.02 8.83 13.08
N LYS A 816 -29.58 8.91 14.33
CA LYS A 816 -30.24 8.25 15.45
C LYS A 816 -31.31 9.22 15.97
N GLY A 817 -32.53 9.08 15.47
CA GLY A 817 -33.60 9.97 15.86
C GLY A 817 -34.80 9.28 16.45
N LYS A 818 -35.99 9.60 15.93
CA LYS A 818 -37.24 9.07 16.45
C LYS A 818 -37.93 8.07 15.54
N GLU A 819 -37.34 7.74 14.38
CA GLU A 819 -37.97 6.87 13.41
C GLU A 819 -37.37 5.46 13.42
N GLY A 820 -36.61 5.11 14.45
CA GLY A 820 -35.96 3.81 14.54
C GLY A 820 -34.49 3.89 14.16
N ARG A 821 -33.89 2.71 14.04
CA ARG A 821 -32.48 2.59 13.72
C ARG A 821 -32.28 1.76 12.47
N GLN A 822 -33.23 1.84 11.53
CA GLN A 822 -33.06 1.14 10.25
C GLN A 822 -32.05 1.85 9.37
N ALA A 823 -32.07 3.18 9.37
CA ALA A 823 -31.09 3.96 8.64
C ALA A 823 -29.73 3.99 9.32
N ALA A 824 -29.69 3.92 10.65
CA ALA A 824 -28.45 3.90 11.40
C ALA A 824 -27.75 2.57 11.35
N ARG A 825 -28.46 1.50 10.99
CA ARG A 825 -27.88 0.17 10.86
C ARG A 825 -27.37 -0.13 9.46
N ASN A 826 -27.99 0.44 8.43
CA ASN A 826 -27.60 0.20 7.04
C ASN A 826 -26.58 1.24 6.55
N SER A 827 -26.16 2.15 7.41
CA SER A 827 -25.27 3.23 7.03
C SER A 827 -23.83 2.86 7.35
N ASP A 828 -22.91 3.72 6.93
CA ASP A 828 -21.50 3.57 7.25
C ASP A 828 -21.14 4.27 8.56
N TYR A 829 -21.71 5.46 8.77
CA TYR A 829 -21.51 6.22 10.00
C TYR A 829 -22.84 6.79 10.44
N SER A 830 -23.05 6.81 11.76
CA SER A 830 -24.30 7.28 12.33
C SER A 830 -24.01 8.42 13.30
N VAL A 831 -24.68 9.55 13.11
CA VAL A 831 -24.51 10.70 13.99
C VAL A 831 -25.87 11.07 14.56
N PRO A 832 -25.94 11.53 15.81
CA PRO A 832 -27.24 11.91 16.39
C PRO A 832 -27.92 13.07 15.68
N LYS A 833 -27.14 13.98 15.12
CA LYS A 833 -27.67 15.25 14.62
C LYS A 833 -27.14 15.47 13.21
N PHE A 834 -27.86 16.29 12.44
CA PHE A 834 -27.43 16.71 11.12
C PHE A 834 -26.31 17.74 11.16
N LYS A 835 -26.25 18.56 12.21
CA LYS A 835 -25.18 19.54 12.36
C LYS A 835 -23.86 18.83 12.62
N HIS A 836 -23.91 17.56 12.98
CA HIS A 836 -22.74 16.76 13.29
C HIS A 836 -21.97 16.40 12.02
N LEU A 837 -22.57 16.63 10.86
CA LEU A 837 -21.94 16.38 9.58
C LEU A 837 -20.87 17.39 9.20
N LYS A 838 -20.90 18.60 9.78
CA LYS A 838 -19.89 19.60 9.47
C LYS A 838 -18.51 19.14 9.95
N LYS A 839 -18.41 18.71 11.20
CA LYS A 839 -17.14 18.24 11.72
C LYS A 839 -16.76 16.87 11.18
N LEU A 840 -17.75 16.00 10.96
CA LEU A 840 -17.47 14.68 10.42
C LEU A 840 -16.82 14.75 9.05
N LEU A 841 -17.14 15.77 8.25
CA LEU A 841 -16.56 15.93 6.92
C LEU A 841 -15.36 16.88 6.89
N LEU A 842 -15.48 18.06 7.48
CA LEU A 842 -14.47 19.11 7.39
C LEU A 842 -13.20 18.77 8.17
N ALA A 843 -13.32 18.16 9.33
CA ALA A 843 -12.15 17.82 10.14
C ALA A 843 -11.76 16.36 10.02
N HIS A 844 -12.66 15.45 10.39
CA HIS A 844 -12.39 14.02 10.39
C HIS A 844 -12.08 13.48 9.00
N GLY A 845 -12.89 13.79 8.00
CA GLY A 845 -12.66 13.32 6.65
C GLY A 845 -11.41 13.89 6.04
N HIS A 846 -11.16 15.19 6.26
CA HIS A 846 -9.96 15.83 5.76
C HIS A 846 -8.71 15.16 6.33
N LEU A 847 -8.67 15.00 7.66
CA LEU A 847 -7.52 14.36 8.29
C LEU A 847 -7.36 12.92 7.84
N TYR A 848 -8.48 12.18 7.77
CA TYR A 848 -8.45 10.80 7.32
C TYR A 848 -7.91 10.64 5.92
N TYR A 849 -8.36 11.47 4.97
CA TYR A 849 -7.84 11.39 3.61
C TYR A 849 -6.38 11.77 3.54
N VAL A 850 -5.98 12.87 4.19
CA VAL A 850 -4.59 13.30 4.13
C VAL A 850 -3.65 12.27 4.72
N ARG A 851 -4.06 11.57 5.79
CA ARG A 851 -3.19 10.58 6.39
C ARG A 851 -2.97 9.37 5.47
N ILE A 852 -4.05 8.80 4.93
CA ILE A 852 -3.93 7.61 4.11
C ILE A 852 -3.29 7.90 2.74
N ALA A 853 -3.59 9.06 2.15
CA ALA A 853 -2.97 9.41 0.87
C ALA A 853 -1.46 9.54 1.01
N HIS A 854 -0.99 10.12 2.12
CA HIS A 854 0.44 10.15 2.40
C HIS A 854 0.99 8.77 2.66
N LEU A 855 0.26 7.92 3.38
CA LEU A 855 0.73 6.57 3.66
C LEU A 855 0.98 5.79 2.38
N VAL A 856 0.04 5.85 1.43
CA VAL A 856 0.17 5.07 0.20
C VAL A 856 1.39 5.52 -0.61
N GLN A 857 1.52 6.84 -0.78
CA GLN A 857 2.64 7.38 -1.54
C GLN A 857 3.97 7.03 -0.88
N TYR A 858 4.04 7.17 0.43
CA TYR A 858 5.28 6.85 1.15
C TYR A 858 5.60 5.37 1.06
N PHE A 859 4.59 4.50 1.14
CA PHE A 859 4.84 3.07 1.04
C PHE A 859 5.38 2.69 -0.33
N PHE A 860 4.85 3.27 -1.39
CA PHE A 860 5.42 2.96 -2.71
C PHE A 860 6.82 3.54 -2.87
N TYR A 861 7.03 4.77 -2.40
CA TYR A 861 8.31 5.45 -2.58
C TYR A 861 9.42 4.73 -1.81
N LYS A 862 9.17 4.36 -0.56
CA LYS A 862 10.20 3.76 0.27
C LYS A 862 10.56 2.34 -0.17
N ASN A 863 9.69 1.67 -0.91
CA ASN A 863 9.99 0.35 -1.44
C ASN A 863 10.63 0.40 -2.82
N LEU A 864 10.32 1.42 -3.62
CA LEU A 864 11.12 1.65 -4.82
C LEU A 864 12.54 2.09 -4.52
N CYS A 865 12.72 2.96 -3.52
CA CYS A 865 14.05 3.31 -3.04
C CYS A 865 14.80 2.08 -2.52
N PHE A 866 14.06 1.10 -2.01
CA PHE A 866 14.67 -0.09 -1.44
C PHE A 866 15.20 -1.04 -2.52
N ILE A 867 14.51 -1.10 -3.66
CA ILE A 867 14.80 -2.12 -4.65
C ILE A 867 15.60 -1.60 -5.85
N LEU A 868 15.49 -0.32 -6.18
CA LEU A 868 16.26 0.20 -7.31
C LEU A 868 17.77 -0.03 -7.19
N PRO A 869 18.41 0.21 -6.04
CA PRO A 869 19.83 -0.14 -5.92
C PRO A 869 20.12 -1.62 -6.15
N GLN A 870 19.23 -2.50 -5.72
CA GLN A 870 19.39 -3.93 -5.97
C GLN A 870 19.19 -4.29 -7.44
N PHE A 871 18.35 -3.54 -8.15
CA PHE A 871 18.22 -3.75 -9.59
C PHE A 871 19.45 -3.26 -10.33
N LEU A 872 20.02 -2.13 -9.93
CA LEU A 872 21.24 -1.63 -10.52
C LEU A 872 22.45 -2.52 -10.24
N TYR A 873 22.40 -3.33 -9.19
CA TYR A 873 23.50 -4.23 -8.84
C TYR A 873 23.65 -5.38 -9.83
N GLN A 874 22.60 -5.74 -10.56
CA GLN A 874 22.69 -6.86 -11.49
C GLN A 874 23.53 -6.54 -12.70
N PHE A 875 23.74 -5.25 -12.99
CA PHE A 875 24.61 -4.86 -14.09
C PHE A 875 26.08 -5.04 -13.74
N PHE A 876 26.39 -5.31 -12.47
CA PHE A 876 27.78 -5.45 -12.04
C PHE A 876 28.11 -6.85 -11.55
N CYS A 877 27.13 -7.65 -11.18
CA CYS A 877 27.30 -9.09 -11.26
C CYS A 877 26.91 -9.57 -12.65
N GLY A 878 26.90 -10.88 -12.84
CA GLY A 878 26.55 -11.40 -14.15
C GLY A 878 25.06 -11.54 -14.35
N PHE A 879 24.29 -10.59 -13.82
CA PHE A 879 22.83 -10.68 -13.75
C PHE A 879 22.43 -12.01 -13.12
N SER A 880 23.15 -12.34 -12.04
CA SER A 880 23.04 -13.65 -11.41
C SER A 880 21.95 -13.73 -10.36
N GLN A 881 21.16 -12.65 -10.18
CA GLN A 881 20.08 -12.61 -9.19
C GLN A 881 20.65 -12.61 -7.77
N GLN A 882 21.87 -12.10 -7.61
CA GLN A 882 22.49 -12.01 -6.29
C GLN A 882 21.94 -10.80 -5.56
N PRO A 883 21.32 -10.98 -4.38
CA PRO A 883 20.78 -9.82 -3.66
C PRO A 883 21.89 -8.90 -3.18
N LEU A 884 21.60 -7.60 -3.18
CA LEU A 884 22.54 -6.60 -2.69
C LEU A 884 22.61 -6.57 -1.17
N TYR A 885 21.51 -6.85 -0.49
CA TYR A 885 21.45 -6.77 0.97
C TYR A 885 21.35 -8.17 1.57
N ASP A 886 21.58 -8.23 2.88
CA ASP A 886 21.46 -9.47 3.63
C ASP A 886 19.99 -9.86 3.76
N ALA A 887 19.75 -11.16 3.93
CA ALA A 887 18.38 -11.66 4.06
C ALA A 887 17.69 -11.09 5.30
N ALA A 888 18.40 -10.97 6.41
CA ALA A 888 17.83 -10.38 7.61
C ALA A 888 17.50 -8.90 7.45
N TYR A 889 18.15 -8.20 6.52
CA TYR A 889 17.82 -6.83 6.20
C TYR A 889 16.62 -6.75 5.25
N LEU A 890 16.59 -7.61 4.23
CA LEU A 890 15.46 -7.67 3.33
C LEU A 890 14.18 -8.00 4.08
N THR A 891 14.25 -8.94 5.02
CA THR A 891 13.07 -9.34 5.77
C THR A 891 12.51 -8.23 6.64
N MET A 892 13.35 -7.55 7.40
CA MET A 892 12.86 -6.59 8.39
C MET A 892 12.97 -5.15 7.94
N TYR A 893 13.21 -4.90 6.66
CA TYR A 893 13.08 -3.55 6.13
C TYR A 893 11.69 -2.98 6.30
N ASN A 894 10.64 -3.76 6.01
CA ASN A 894 9.27 -3.31 6.15
C ASN A 894 8.60 -3.76 7.45
N ILE A 895 9.26 -4.59 8.25
CA ILE A 895 8.65 -5.08 9.48
C ILE A 895 9.08 -4.25 10.69
N CYS A 896 10.36 -3.93 10.78
CA CYS A 896 10.91 -3.29 11.98
C CYS A 896 11.51 -1.92 11.67
N PHE A 897 12.22 -1.79 10.55
CA PHE A 897 13.00 -0.57 10.31
C PHE A 897 12.11 0.60 9.90
N THR A 898 11.14 0.35 9.01
CA THR A 898 10.34 1.41 8.41
C THR A 898 8.85 1.10 8.47
N SER A 899 8.38 0.51 9.57
CA SER A 899 6.98 0.12 9.71
C SER A 899 6.19 1.05 10.63
N LEU A 900 6.75 1.40 11.78
CA LEU A 900 6.05 2.15 12.82
C LEU A 900 5.92 3.65 12.53
N PRO A 901 6.96 4.34 12.03
CA PRO A 901 6.83 5.80 11.83
C PRO A 901 5.69 6.19 10.90
N ILE A 902 5.47 5.47 9.81
CA ILE A 902 4.38 5.82 8.90
C ILE A 902 3.02 5.48 9.50
N LEU A 903 2.93 4.39 10.25
CA LEU A 903 1.68 4.05 10.93
C LEU A 903 1.31 5.10 11.98
N ALA A 904 2.30 5.61 12.71
CA ALA A 904 2.04 6.70 13.64
C ALA A 904 1.63 7.98 12.93
N TYR A 905 2.23 8.26 11.78
CA TYR A 905 1.84 9.42 10.99
C TYR A 905 0.39 9.32 10.54
N SER A 906 -0.01 8.13 10.10
CA SER A 906 -1.36 7.97 9.57
C SER A 906 -2.42 7.91 10.67
N LEU A 907 -2.03 8.05 11.93
CA LEU A 907 -2.98 8.00 13.03
C LEU A 907 -2.96 9.24 13.91
N LEU A 908 -1.94 10.09 13.79
CA LEU A 908 -1.76 11.21 14.72
C LEU A 908 -1.47 12.53 14.03
N GLU A 909 -1.19 12.54 12.73
CA GLU A 909 -0.70 13.73 12.05
C GLU A 909 -1.86 14.67 11.77
N GLN A 910 -1.70 15.94 12.12
CA GLN A 910 -2.64 17.00 11.78
C GLN A 910 -1.86 18.05 10.98
N HIS A 911 -1.85 17.90 9.66
CA HIS A 911 -1.23 18.90 8.80
C HIS A 911 -1.86 20.27 8.97
N ILE A 912 -3.16 20.32 9.19
CA ILE A 912 -3.86 21.51 9.65
C ILE A 912 -4.58 21.15 10.94
N ASN A 913 -4.54 22.05 11.91
CA ASN A 913 -5.15 21.78 13.21
C ASN A 913 -6.64 21.53 13.06
N ILE A 914 -7.18 20.66 13.92
CA ILE A 914 -8.60 20.34 13.91
C ILE A 914 -9.47 21.57 14.15
N ASP A 915 -9.10 22.42 15.09
CA ASP A 915 -9.83 23.65 15.33
C ASP A 915 -9.88 24.56 14.12
N THR A 916 -8.78 24.67 13.37
CA THR A 916 -8.74 25.40 12.11
C THR A 916 -9.57 24.75 11.01
N LEU A 917 -9.56 23.42 10.96
CA LEU A 917 -10.29 22.72 9.92
C LEU A 917 -11.79 22.97 10.04
N THR A 918 -12.32 22.96 11.26
CA THR A 918 -13.73 23.24 11.47
C THR A 918 -14.06 24.71 11.25
N SER A 919 -13.14 25.62 11.60
CA SER A 919 -13.40 27.05 11.47
C SER A 919 -13.49 27.47 10.01
N ASP A 920 -12.53 27.03 9.19
CA ASP A 920 -12.50 27.42 7.79
C ASP A 920 -12.94 26.27 6.90
N PRO A 921 -14.13 26.34 6.30
CA PRO A 921 -14.59 25.27 5.42
C PRO A 921 -13.98 25.27 4.03
N ARG A 922 -13.27 26.33 3.64
CA ARG A 922 -12.68 26.43 2.32
C ARG A 922 -11.38 25.62 2.20
N LEU A 923 -10.88 25.09 3.32
CA LEU A 923 -9.74 24.19 3.30
C LEU A 923 -10.12 22.80 2.79
N TYR A 924 -11.41 22.49 2.76
CA TYR A 924 -11.90 21.23 2.23
C TYR A 924 -11.72 21.12 0.73
N MET A 925 -11.61 22.25 0.03
CA MET A 925 -11.45 22.28 -1.42
C MET A 925 -10.04 21.95 -1.86
N LYS A 926 -9.05 22.01 -0.97
CA LYS A 926 -7.66 21.78 -1.33
C LYS A 926 -7.36 20.32 -1.64
N ILE A 927 -8.14 19.39 -1.12
CA ILE A 927 -7.91 17.96 -1.32
C ILE A 927 -9.01 17.33 -2.16
N SER A 928 -9.88 18.15 -2.75
CA SER A 928 -10.99 17.66 -3.55
C SER A 928 -10.49 17.07 -4.86
N GLY A 929 -11.16 16.03 -5.32
CA GLY A 929 -10.78 15.37 -6.56
C GLY A 929 -9.59 14.45 -6.45
N ASN A 930 -9.35 13.88 -5.27
CA ASN A 930 -8.20 12.99 -5.03
C ASN A 930 -6.90 13.67 -5.39
N ALA A 931 -6.76 14.92 -4.91
CA ALA A 931 -5.66 15.77 -5.34
C ALA A 931 -4.29 15.21 -4.97
N MET A 932 -4.20 14.51 -3.83
CA MET A 932 -2.92 14.01 -3.36
C MET A 932 -2.53 12.68 -3.96
N LEU A 933 -3.35 12.12 -4.85
CA LEU A 933 -3.08 10.84 -5.50
C LEU A 933 -3.24 10.96 -7.01
N GLN A 934 -2.91 12.11 -7.57
CA GLN A 934 -3.03 12.34 -9.00
C GLN A 934 -1.70 12.05 -9.70
N LEU A 935 -1.68 12.27 -11.02
CA LEU A 935 -0.50 11.96 -11.83
C LEU A 935 0.71 12.77 -11.38
N GLY A 936 0.51 14.05 -11.12
CA GLY A 936 1.59 14.92 -10.71
C GLY A 936 2.25 14.48 -9.41
N PRO A 937 1.46 14.39 -8.34
CA PRO A 937 1.99 13.90 -7.07
C PRO A 937 2.60 12.51 -7.18
N PHE A 938 1.98 11.61 -7.94
CA PHE A 938 2.53 10.26 -8.08
C PHE A 938 3.88 10.27 -8.78
N LEU A 939 3.99 11.07 -9.85
CA LEU A 939 5.25 11.17 -10.56
C LEU A 939 6.33 11.79 -9.69
N TYR A 940 5.96 12.78 -8.87
CA TYR A 940 6.93 13.38 -7.97
C TYR A 940 7.55 12.32 -7.05
N TRP A 941 6.70 11.54 -6.38
CA TRP A 941 7.20 10.50 -5.49
C TRP A 941 8.00 9.44 -6.24
N THR A 942 7.51 9.01 -7.42
CA THR A 942 8.19 7.97 -8.17
C THR A 942 9.57 8.40 -8.66
N PHE A 943 9.69 9.62 -9.18
CA PHE A 943 10.99 10.14 -9.63
C PHE A 943 11.91 10.48 -8.48
N LEU A 944 11.38 10.96 -7.35
CA LEU A 944 12.21 11.13 -6.16
C LEU A 944 12.77 9.81 -5.66
N ALA A 945 11.96 8.75 -5.63
CA ALA A 945 12.46 7.44 -5.23
C ALA A 945 13.53 6.94 -6.19
N ALA A 946 13.33 7.11 -7.50
CA ALA A 946 14.33 6.70 -8.49
C ALA A 946 15.64 7.47 -8.33
N PHE A 947 15.55 8.80 -8.14
CA PHE A 947 16.75 9.61 -7.95
C PHE A 947 17.49 9.18 -6.69
N GLU A 948 16.76 8.97 -5.59
CA GLU A 948 17.41 8.58 -4.35
C GLU A 948 18.03 7.18 -4.45
N GLY A 949 17.33 6.24 -5.10
CA GLY A 949 17.89 4.91 -5.27
C GLY A 949 19.12 4.89 -6.15
N THR A 950 19.13 5.69 -7.22
CA THR A 950 20.34 5.84 -8.03
C THR A 950 21.49 6.45 -7.23
N VAL A 951 21.21 7.48 -6.43
CA VAL A 951 22.25 8.08 -5.60
C VAL A 951 22.81 7.07 -4.62
N PHE A 952 21.93 6.30 -3.96
CA PHE A 952 22.37 5.29 -3.00
C PHE A 952 23.41 4.36 -3.62
N PHE A 953 23.09 3.79 -4.78
CA PHE A 953 23.97 2.80 -5.39
C PHE A 953 25.24 3.44 -5.92
N PHE A 954 25.12 4.54 -6.66
CA PHE A 954 26.31 5.03 -7.36
C PHE A 954 27.25 5.82 -6.47
N GLY A 955 26.75 6.46 -5.40
CA GLY A 955 27.64 7.12 -4.48
C GLY A 955 28.58 6.16 -3.76
N THR A 956 28.09 4.97 -3.42
CA THR A 956 28.96 3.97 -2.83
C THR A 956 29.72 3.16 -3.87
N TYR A 957 29.21 3.06 -5.10
CA TYR A 957 30.00 2.49 -6.18
C TYR A 957 31.26 3.31 -6.42
N PHE A 958 31.12 4.63 -6.50
CA PHE A 958 32.30 5.49 -6.64
C PHE A 958 33.14 5.54 -5.37
N LEU A 959 32.51 5.33 -4.21
CA LEU A 959 33.26 5.26 -2.97
C LEU A 959 34.16 4.02 -2.93
N PHE A 960 33.69 2.91 -3.53
CA PHE A 960 34.42 1.65 -3.53
C PHE A 960 35.45 1.57 -4.65
N GLN A 961 35.88 2.70 -5.19
CA GLN A 961 36.86 2.75 -6.26
C GLN A 961 38.26 3.05 -5.72
N THR A 962 38.57 2.54 -4.53
CA THR A 962 39.83 2.77 -3.86
C THR A 962 40.40 1.45 -3.37
N ALA A 963 41.69 1.46 -3.05
CA ALA A 963 42.35 0.26 -2.52
C ALA A 963 41.76 -0.11 -1.17
N SER A 964 41.55 0.87 -0.31
CA SER A 964 41.02 0.63 1.03
C SER A 964 40.30 1.88 1.53
N LEU A 965 39.26 1.65 2.34
CA LEU A 965 38.52 2.72 2.98
C LEU A 965 38.93 2.90 4.44
N GLU A 966 39.96 2.17 4.87
CA GLU A 966 40.37 2.15 6.27
C GLU A 966 41.81 2.63 6.37
N GLU A 967 42.18 3.08 7.57
CA GLU A 967 43.54 3.53 7.87
C GLU A 967 44.52 2.36 7.95
N ASN A 968 44.02 1.15 8.23
CA ASN A 968 44.87 -0.02 8.30
C ASN A 968 44.98 -0.76 6.97
N GLY A 969 44.39 -0.23 5.90
CA GLY A 969 44.57 -0.78 4.57
C GLY A 969 43.71 -1.98 4.23
N LYS A 970 42.85 -2.42 5.12
CA LYS A 970 42.03 -3.61 4.87
C LYS A 970 40.85 -3.26 3.98
N VAL A 971 40.42 -4.23 3.19
CA VAL A 971 39.44 -4.01 2.13
C VAL A 971 38.09 -4.56 2.57
N TYR A 972 37.03 -4.01 1.98
CA TYR A 972 35.65 -4.39 2.24
C TYR A 972 35.12 -5.27 1.12
N GLY A 973 33.94 -5.83 1.35
CA GLY A 973 33.36 -6.75 0.39
C GLY A 973 31.94 -6.46 -0.04
N ASN A 974 31.31 -7.46 -0.66
CA ASN A 974 29.98 -7.29 -1.22
C ASN A 974 28.92 -7.12 -0.15
N TRP A 975 29.18 -7.60 1.06
CA TRP A 975 28.24 -7.40 2.16
C TRP A 975 28.39 -6.03 2.80
N THR A 976 29.62 -5.51 2.92
CA THR A 976 29.80 -4.14 3.38
C THR A 976 29.23 -3.13 2.39
N PHE A 977 29.39 -3.39 1.09
CA PHE A 977 28.78 -2.54 0.07
C PHE A 977 27.27 -2.43 0.28
N GLY A 978 26.60 -3.58 0.39
CA GLY A 978 25.16 -3.59 0.61
C GLY A 978 24.75 -2.98 1.93
N THR A 979 25.54 -3.18 2.99
CA THR A 979 25.22 -2.59 4.28
C THR A 979 25.31 -1.07 4.23
N ILE A 980 26.30 -0.54 3.51
CA ILE A 980 26.38 0.92 3.34
C ILE A 980 25.16 1.42 2.59
N VAL A 981 24.77 0.75 1.50
CA VAL A 981 23.59 1.16 0.76
C VAL A 981 22.36 1.13 1.66
N PHE A 982 22.20 0.06 2.45
CA PHE A 982 21.04 -0.09 3.31
C PHE A 982 21.00 0.99 4.40
N THR A 983 22.13 1.31 5.01
CA THR A 983 22.17 2.37 6.01
C THR A 983 21.75 3.71 5.42
N VAL A 984 22.31 4.05 4.25
CA VAL A 984 21.93 5.31 3.61
C VAL A 984 20.45 5.32 3.29
N LEU A 985 19.93 4.22 2.75
CA LEU A 985 18.53 4.13 2.39
C LEU A 985 17.62 4.31 3.60
N VAL A 986 17.94 3.60 4.69
CA VAL A 986 17.09 3.66 5.89
C VAL A 986 17.06 5.06 6.45
N PHE A 987 18.23 5.69 6.58
CA PHE A 987 18.27 7.04 7.15
C PHE A 987 17.55 8.03 6.23
N THR A 988 17.72 7.90 4.92
CA THR A 988 17.06 8.82 3.99
C THR A 988 15.55 8.69 4.07
N VAL A 989 15.03 7.45 4.04
CA VAL A 989 13.58 7.29 4.06
C VAL A 989 12.99 7.70 5.40
N THR A 990 13.70 7.49 6.51
CA THR A 990 13.20 7.96 7.79
C THR A 990 13.21 9.49 7.90
N LEU A 991 14.29 10.14 7.46
CA LEU A 991 14.39 11.59 7.53
C LEU A 991 13.47 12.30 6.54
N LYS A 992 13.07 11.63 5.46
CA LYS A 992 12.07 12.22 4.57
C LYS A 992 10.70 12.31 5.26
N LEU A 993 10.27 11.25 5.94
CA LEU A 993 9.04 11.32 6.72
C LEU A 993 9.18 12.31 7.87
N ALA A 994 10.33 12.34 8.53
CA ALA A 994 10.57 13.33 9.57
C ALA A 994 10.45 14.75 9.04
N LEU A 995 10.92 15.02 7.82
CA LEU A 995 10.77 16.31 7.18
C LEU A 995 9.33 16.60 6.79
N ASP A 996 8.57 15.58 6.40
CA ASP A 996 7.16 15.74 6.06
C ASP A 996 6.25 15.89 7.28
N THR A 997 6.72 15.54 8.47
CA THR A 997 5.88 15.60 9.66
C THR A 997 5.65 17.05 10.07
N ARG A 998 4.39 17.39 10.39
CA ARG A 998 4.02 18.71 10.86
C ARG A 998 3.45 18.71 12.27
N PHE A 999 3.09 17.54 12.81
CA PHE A 999 2.43 17.42 14.12
C PHE A 999 3.25 16.43 14.94
N TRP A 1000 4.23 16.94 15.69
CA TRP A 1000 5.21 16.11 16.39
C TRP A 1000 4.71 15.84 17.81
N THR A 1001 4.09 14.69 18.00
CA THR A 1001 3.74 14.24 19.34
C THR A 1001 4.88 13.43 19.94
N TRP A 1002 4.75 13.13 21.23
CA TRP A 1002 5.73 12.26 21.87
C TRP A 1002 5.77 10.88 21.23
N ILE A 1003 4.63 10.35 20.79
CA ILE A 1003 4.59 9.10 20.05
C ILE A 1003 5.32 9.19 18.72
N ASN A 1004 5.16 10.30 17.99
CA ASN A 1004 5.89 10.49 16.75
C ASN A 1004 7.39 10.57 16.97
N HIS A 1005 7.84 11.33 17.98
CA HIS A 1005 9.26 11.34 18.33
C HIS A 1005 9.74 9.94 18.65
N PHE A 1006 8.99 9.23 19.50
CA PHE A 1006 9.39 7.89 19.92
C PHE A 1006 9.58 6.97 18.73
N VAL A 1007 8.58 6.87 17.86
CA VAL A 1007 8.68 5.93 16.75
C VAL A 1007 9.76 6.36 15.76
N ILE A 1008 9.81 7.64 15.41
CA ILE A 1008 10.74 8.09 14.38
C ILE A 1008 12.19 7.93 14.83
N TRP A 1009 12.53 8.33 16.06
CA TRP A 1009 13.90 8.17 16.53
C TRP A 1009 14.22 6.76 17.00
N GLY A 1010 13.24 6.02 17.53
CA GLY A 1010 13.47 4.65 17.93
C GLY A 1010 13.65 3.68 16.80
N SER A 1011 13.01 3.93 15.65
CA SER A 1011 13.31 3.10 14.48
C SER A 1011 14.76 3.25 14.04
N LEU A 1012 15.25 4.49 13.98
CA LEU A 1012 16.63 4.77 13.65
C LEU A 1012 17.62 4.21 14.67
N ALA A 1013 17.30 4.32 15.97
CA ALA A 1013 18.16 3.77 17.01
C ALA A 1013 18.10 2.25 17.09
N PHE A 1014 16.96 1.64 16.73
CA PHE A 1014 16.82 0.20 16.70
C PHE A 1014 17.50 -0.41 15.50
N TYR A 1015 17.56 0.30 14.37
CA TYR A 1015 18.35 -0.19 13.25
C TYR A 1015 19.81 -0.34 13.62
N VAL A 1016 20.40 0.67 14.24
CA VAL A 1016 21.80 0.66 14.64
C VAL A 1016 22.07 -0.39 15.73
N PHE A 1017 21.11 -0.59 16.63
CA PHE A 1017 21.28 -1.60 17.67
C PHE A 1017 21.09 -3.02 17.17
N PHE A 1018 20.12 -3.29 16.29
CA PHE A 1018 20.01 -4.61 15.69
C PHE A 1018 21.22 -4.91 14.81
N SER A 1019 21.76 -3.89 14.13
CA SER A 1019 22.96 -4.12 13.34
C SER A 1019 24.14 -4.52 14.21
N PHE A 1020 24.28 -3.89 15.38
CA PHE A 1020 25.36 -4.23 16.30
C PHE A 1020 25.10 -5.53 17.07
N PHE A 1021 23.85 -5.98 17.15
CA PHE A 1021 23.52 -7.20 17.89
C PHE A 1021 23.50 -8.44 17.00
N TRP A 1022 22.75 -8.39 15.90
CA TRP A 1022 22.68 -9.50 14.95
C TRP A 1022 24.06 -9.84 14.42
N GLY A 1023 24.79 -8.83 13.97
CA GLY A 1023 26.19 -8.96 13.66
C GLY A 1023 27.02 -8.66 14.90
N GLY A 1024 27.91 -9.59 15.23
CA GLY A 1024 28.68 -9.52 16.46
C GLY A 1024 28.64 -10.79 17.28
N ILE A 1025 27.76 -11.73 16.94
CA ILE A 1025 27.72 -13.04 17.57
C ILE A 1025 27.62 -14.09 16.47
N ILE A 1026 28.44 -15.12 16.56
CA ILE A 1026 28.32 -16.26 15.66
C ILE A 1026 27.12 -17.09 16.09
N TRP A 1027 26.09 -17.11 15.25
CA TRP A 1027 24.81 -17.69 15.62
C TRP A 1027 24.83 -19.18 15.35
N PRO A 1028 24.61 -20.03 16.37
CA PRO A 1028 24.60 -21.48 16.13
C PRO A 1028 23.44 -21.95 15.28
N PHE A 1029 22.37 -21.16 15.14
CA PHE A 1029 21.21 -21.54 14.36
C PHE A 1029 21.29 -21.10 12.91
N LEU A 1030 22.38 -20.44 12.51
CA LEU A 1030 22.56 -19.97 11.15
C LEU A 1030 23.54 -20.88 10.40
N LYS A 1031 23.26 -21.08 9.13
CA LYS A 1031 24.16 -21.79 8.24
C LYS A 1031 25.15 -20.86 7.54
N GLN A 1032 25.06 -19.56 7.81
CA GLN A 1032 25.98 -18.58 7.24
C GLN A 1032 26.30 -17.54 8.31
N GLN A 1033 27.49 -16.95 8.20
CA GLN A 1033 27.88 -15.86 9.07
C GLN A 1033 28.37 -14.68 8.24
N ARG A 1034 27.64 -14.36 7.17
CA ARG A 1034 28.09 -13.36 6.22
C ARG A 1034 28.12 -11.95 6.82
N MET A 1035 27.28 -11.68 7.83
CA MET A 1035 27.15 -10.36 8.41
C MET A 1035 27.70 -10.30 9.83
N TYR A 1036 28.75 -11.06 10.14
CA TYR A 1036 29.20 -11.21 11.52
C TYR A 1036 29.67 -9.88 12.11
N PHE A 1037 30.53 -9.16 11.39
CA PHE A 1037 31.04 -7.88 11.87
C PHE A 1037 31.05 -6.84 10.77
N VAL A 1038 30.20 -7.01 9.76
CA VAL A 1038 30.20 -6.11 8.62
C VAL A 1038 29.84 -4.69 9.04
N PHE A 1039 28.77 -4.54 9.84
CA PHE A 1039 28.35 -3.24 10.33
C PHE A 1039 29.35 -2.59 11.27
N ALA A 1040 29.96 -3.35 12.18
CA ALA A 1040 30.94 -2.80 13.10
C ALA A 1040 32.25 -2.43 12.42
N GLN A 1041 32.65 -3.16 11.38
CA GLN A 1041 33.83 -2.79 10.60
C GLN A 1041 33.57 -1.61 9.70
N MET A 1042 32.33 -1.50 9.19
CA MET A 1042 31.99 -0.37 8.32
C MET A 1042 32.06 0.95 9.07
N LEU A 1043 31.70 0.95 10.35
CA LEU A 1043 31.67 2.16 11.16
C LEU A 1043 33.04 2.52 11.74
N SER A 1044 34.07 1.70 11.50
CA SER A 1044 35.41 1.99 11.97
C SER A 1044 36.18 2.91 11.03
N SER A 1045 35.60 3.31 9.91
CA SER A 1045 36.26 4.16 8.93
C SER A 1045 35.56 5.51 8.85
N VAL A 1046 36.33 6.59 8.98
CA VAL A 1046 35.78 7.93 8.92
C VAL A 1046 35.28 8.24 7.51
N SER A 1047 35.93 7.66 6.50
CA SER A 1047 35.56 7.89 5.11
C SER A 1047 34.15 7.38 4.84
N THR A 1048 33.82 6.22 5.40
CA THR A 1048 32.48 5.67 5.27
C THR A 1048 31.42 6.55 5.94
N TRP A 1049 31.75 7.07 7.14
CA TRP A 1049 30.85 8.00 7.82
C TRP A 1049 30.60 9.23 6.95
N LEU A 1050 31.68 9.80 6.41
CA LEU A 1050 31.54 10.99 5.57
C LEU A 1050 30.72 10.70 4.32
N ALA A 1051 30.94 9.55 3.69
CA ALA A 1051 30.19 9.16 2.51
C ALA A 1051 28.70 8.99 2.83
N ILE A 1052 28.39 8.35 3.95
CA ILE A 1052 26.98 8.18 4.33
C ILE A 1052 26.33 9.52 4.58
N ILE A 1053 27.01 10.42 5.30
CA ILE A 1053 26.46 11.73 5.59
C ILE A 1053 26.23 12.52 4.31
N LEU A 1054 27.19 12.48 3.39
CA LEU A 1054 27.03 13.14 2.10
C LEU A 1054 25.88 12.57 1.28
N LEU A 1055 25.75 11.24 1.23
CA LEU A 1055 24.70 10.62 0.44
C LEU A 1055 23.31 10.90 0.99
N ILE A 1056 23.13 10.88 2.31
CA ILE A 1056 21.84 11.25 2.90
C ILE A 1056 21.45 12.68 2.55
N PHE A 1057 22.38 13.62 2.55
CA PHE A 1057 22.09 15.00 2.18
C PHE A 1057 21.81 15.16 0.69
N ILE A 1058 22.58 14.48 -0.17
CA ILE A 1058 22.30 14.55 -1.61
C ILE A 1058 20.93 13.98 -1.91
N SER A 1059 20.55 12.92 -1.20
CA SER A 1059 19.25 12.28 -1.43
C SER A 1059 18.08 13.13 -0.97
N LEU A 1060 18.28 14.05 -0.02
CA LEU A 1060 17.21 14.89 0.48
C LEU A 1060 17.26 16.31 -0.05
N PHE A 1061 18.28 16.66 -0.83
CA PHE A 1061 18.38 18.01 -1.37
C PHE A 1061 17.19 18.41 -2.25
N PRO A 1062 16.68 17.57 -3.17
CA PRO A 1062 15.48 17.96 -3.93
C PRO A 1062 14.29 18.24 -3.03
N GLU A 1063 14.20 17.52 -1.91
CA GLU A 1063 13.14 17.73 -0.94
C GLU A 1063 13.30 19.06 -0.20
N ILE A 1064 14.51 19.37 0.27
CA ILE A 1064 14.73 20.64 0.98
C ILE A 1064 14.51 21.81 0.04
N LEU A 1065 14.98 21.70 -1.20
CA LEU A 1065 14.79 22.78 -2.16
C LEU A 1065 13.31 23.04 -2.42
N LEU A 1066 12.50 21.97 -2.42
CA LEU A 1066 11.07 22.13 -2.62
C LEU A 1066 10.42 22.92 -1.48
N ILE A 1067 10.75 22.59 -0.23
CA ILE A 1067 10.17 23.25 0.92
C ILE A 1067 10.69 24.67 1.01
N VAL A 1068 11.85 24.93 0.41
CA VAL A 1068 12.37 26.29 0.29
C VAL A 1068 11.62 27.10 -0.77
N LEU A 1069 11.35 26.51 -1.93
CA LEU A 1069 10.75 27.23 -3.05
C LEU A 1069 9.25 27.43 -2.92
N LYS A 1070 8.51 26.40 -2.53
CA LYS A 1070 7.05 26.48 -2.51
C LYS A 1070 6.52 27.09 -1.22
N ASN A 1071 7.41 27.51 -0.32
CA ASN A 1071 7.02 28.26 0.86
C ASN A 1071 7.18 29.77 0.67
N VAL A 1072 7.60 30.20 -0.51
CA VAL A 1072 7.73 31.62 -0.84
C VAL A 1072 7.12 31.81 -2.23
N ARG A 1073 6.50 32.97 -2.45
CA ARG A 1073 5.80 33.27 -3.69
C ARG A 1073 4.70 32.26 -3.98
N ARG B 1 -20.09 11.21 28.41
CA ARG B 1 -19.94 9.76 28.24
C ARG B 1 -18.64 9.32 27.54
N PRO B 2 -18.25 9.97 26.41
CA PRO B 2 -16.95 9.61 25.82
C PRO B 2 -15.80 10.20 26.62
N ASP B 3 -14.81 9.37 26.95
CA ASP B 3 -13.73 9.76 27.85
C ASP B 3 -12.94 10.93 27.26
N ASN B 4 -12.90 12.05 28.01
CA ASN B 4 -12.27 13.28 27.53
C ASN B 4 -10.79 13.30 27.92
N THR B 5 -10.03 12.45 27.25
CA THR B 5 -8.58 12.43 27.37
C THR B 5 -7.97 13.06 26.12
N ALA B 6 -6.72 13.51 26.25
CA ALA B 6 -6.08 14.19 25.13
C ALA B 6 -5.90 13.28 23.92
N PHE B 7 -5.54 12.02 24.15
CA PHE B 7 -5.34 11.11 23.03
C PHE B 7 -6.62 10.77 22.29
N LYS B 8 -7.71 10.50 23.03
CA LYS B 8 -8.96 10.09 22.40
C LYS B 8 -9.66 11.24 21.68
N GLN B 9 -9.38 12.49 22.07
CA GLN B 9 -9.97 13.65 21.45
C GLN B 9 -9.04 14.34 20.46
N GLN B 10 -7.91 13.69 20.13
CA GLN B 10 -6.96 14.17 19.13
C GLN B 10 -6.45 15.57 19.48
N ARG B 11 -6.07 15.74 20.75
CA ARG B 11 -5.51 17.01 21.18
C ARG B 11 -4.26 16.81 22.05
N LEU B 12 -3.41 15.83 21.70
CA LEU B 12 -2.15 15.69 22.39
C LEU B 12 -1.26 16.89 22.11
N PRO B 13 -0.46 17.31 23.09
CA PRO B 13 0.51 18.40 22.82
C PRO B 13 1.47 18.00 21.72
N ALA B 14 1.73 18.93 20.80
CA ALA B 14 2.59 18.69 19.66
C ALA B 14 3.52 19.88 19.47
N TRP B 15 4.69 19.58 18.89
CA TRP B 15 5.70 20.60 18.63
C TRP B 15 5.29 21.53 17.51
N GLN B 16 4.78 20.98 16.41
CA GLN B 16 4.30 21.74 15.26
C GLN B 16 5.35 22.73 14.75
N PRO B 17 6.47 22.25 14.20
CA PRO B 17 7.47 23.17 13.67
C PRO B 17 6.97 23.86 12.40
N ILE B 18 7.49 25.06 12.18
CA ILE B 18 7.31 25.78 10.93
C ILE B 18 8.68 25.84 10.27
N LEU B 19 8.72 25.46 9.00
CA LEU B 19 9.97 25.45 8.24
C LEU B 19 9.72 26.08 6.89
N THR B 20 9.93 27.39 6.79
CA THR B 20 9.72 28.18 5.59
C THR B 20 11.06 28.69 5.10
N ALA B 21 11.02 29.55 4.07
CA ALA B 21 12.22 30.20 3.57
C ALA B 21 12.57 31.46 4.34
N GLY B 22 12.59 31.38 5.67
CA GLY B 22 13.17 32.40 6.52
C GLY B 22 13.90 31.72 7.66
N THR B 23 13.72 30.40 7.74
CA THR B 23 14.39 29.57 8.72
C THR B 23 15.08 28.37 8.09
N VAL B 24 14.75 28.01 6.85
CA VAL B 24 15.44 26.98 6.11
C VAL B 24 16.41 27.59 5.10
N LEU B 25 16.26 28.88 4.81
CA LEU B 25 17.19 29.59 3.95
C LEU B 25 18.61 29.57 4.51
N PRO B 26 18.81 29.84 5.82
CA PRO B 26 20.19 29.90 6.36
C PRO B 26 20.76 28.57 6.80
N ILE B 27 20.62 27.52 5.99
CA ILE B 27 21.39 26.29 6.21
C ILE B 27 22.10 25.94 4.92
N PHE B 28 21.66 26.53 3.81
CA PHE B 28 22.39 26.43 2.55
C PHE B 28 23.72 27.16 2.61
N PHE B 29 23.90 28.05 3.58
CA PHE B 29 25.20 28.64 3.89
C PHE B 29 25.97 27.86 4.93
N ILE B 30 25.28 27.37 5.96
CA ILE B 30 25.92 26.63 7.05
C ILE B 30 26.44 25.30 6.52
N ILE B 31 25.83 24.79 5.45
CA ILE B 31 26.24 23.52 4.88
C ILE B 31 27.36 23.77 3.87
N GLY B 32 27.24 24.85 3.10
CA GLY B 32 28.26 25.19 2.13
C GLY B 32 29.54 25.69 2.77
N LEU B 33 29.46 26.10 4.04
CA LEU B 33 30.62 26.56 4.78
C LEU B 33 31.32 25.44 5.55
N ILE B 34 30.70 24.27 5.66
CA ILE B 34 31.36 23.10 6.24
C ILE B 34 31.78 22.09 5.18
N PHE B 35 30.99 21.90 4.13
CA PHE B 35 31.30 20.91 3.11
C PHE B 35 32.46 21.28 2.21
N ILE B 36 32.74 22.57 2.03
CA ILE B 36 33.83 23.00 1.16
C ILE B 36 35.17 22.83 1.88
N PRO B 37 35.34 23.28 3.12
CA PRO B 37 36.57 22.93 3.85
C PRO B 37 36.80 21.44 4.02
N ILE B 38 35.75 20.66 4.24
CA ILE B 38 35.86 19.22 4.32
C ILE B 38 36.24 18.59 2.98
N GLY B 39 35.58 18.97 1.89
CA GLY B 39 35.95 18.46 0.59
C GLY B 39 37.35 18.82 0.18
N ILE B 40 37.76 20.06 0.41
CA ILE B 40 39.13 20.49 0.12
C ILE B 40 40.15 19.71 0.93
N GLY B 41 39.89 19.48 2.22
CA GLY B 41 40.81 18.73 3.05
C GLY B 41 40.95 17.28 2.64
N ILE B 42 39.82 16.60 2.39
CA ILE B 42 39.85 15.19 2.02
C ILE B 42 40.21 15.01 0.55
N PHE B 43 40.26 16.09 -0.22
CA PHE B 43 40.81 16.07 -1.57
C PHE B 43 42.31 16.30 -1.59
N VAL B 44 42.82 17.14 -0.68
CA VAL B 44 44.26 17.29 -0.53
C VAL B 44 44.87 16.02 0.06
N THR B 45 44.15 15.41 1.01
CA THR B 45 44.63 14.17 1.62
C THR B 45 44.80 13.06 0.60
N SER B 46 43.81 12.91 -0.30
CA SER B 46 43.88 11.89 -1.34
C SER B 46 45.02 12.13 -2.32
N ASN B 47 45.26 13.38 -2.72
CA ASN B 47 46.35 13.73 -3.63
C ASN B 47 47.73 13.43 -3.06
N ASN B 48 47.85 13.39 -1.73
CA ASN B 48 49.14 13.18 -1.08
C ASN B 48 49.49 11.72 -0.95
N ILE B 49 48.61 10.82 -1.36
CA ILE B 49 48.86 9.38 -1.31
C ILE B 49 49.68 9.01 -2.54
N ARG B 50 50.76 8.25 -2.32
CA ARG B 50 51.61 7.78 -3.39
C ARG B 50 51.19 6.36 -3.76
N GLU B 51 50.99 6.11 -5.05
CA GLU B 51 50.42 4.86 -5.50
C GLU B 51 51.00 4.50 -6.86
N ILE B 52 51.03 3.20 -7.14
CA ILE B 52 51.52 2.70 -8.42
C ILE B 52 50.88 1.34 -8.72
N GLU B 53 50.43 1.15 -9.96
CA GLU B 53 49.86 -0.10 -10.42
C GLU B 53 50.74 -0.70 -11.50
N ILE B 54 51.01 -1.99 -11.40
CA ILE B 54 51.77 -2.73 -12.42
C ILE B 54 50.90 -3.88 -12.91
N ASP B 55 50.61 -3.89 -14.21
CA ASP B 55 49.87 -4.99 -14.81
C ASP B 55 50.84 -6.05 -15.31
N TYR B 56 50.73 -7.26 -14.78
CA TYR B 56 51.64 -8.34 -15.12
C TYR B 56 50.89 -9.50 -15.77
N THR B 57 49.76 -9.23 -16.40
CA THR B 57 49.03 -10.27 -17.11
C THR B 57 49.85 -10.84 -18.27
N GLY B 58 50.54 -9.97 -19.00
CA GLY B 58 51.39 -10.41 -20.09
C GLY B 58 50.66 -10.79 -21.36
N THR B 59 49.51 -10.16 -21.64
CA THR B 59 48.75 -10.51 -22.83
C THR B 59 49.43 -10.01 -24.10
N GLU B 60 49.92 -8.77 -24.09
CA GLU B 60 50.59 -8.23 -25.26
C GLU B 60 51.95 -8.92 -25.44
N PRO B 61 52.38 -9.19 -26.68
CA PRO B 61 53.60 -9.98 -26.89
C PRO B 61 54.90 -9.25 -26.60
N SER B 62 54.84 -8.05 -26.03
CA SER B 62 56.05 -7.32 -25.67
C SER B 62 56.16 -7.18 -24.17
N SER B 63 55.86 -8.25 -23.44
CA SER B 63 55.85 -8.24 -21.99
C SER B 63 56.78 -9.33 -21.46
N PRO B 64 57.46 -9.08 -20.34
CA PRO B 64 58.26 -10.15 -19.72
C PRO B 64 57.46 -11.36 -19.29
N CYS B 65 56.16 -11.21 -19.03
CA CYS B 65 55.33 -12.29 -18.51
C CYS B 65 54.47 -12.93 -19.60
N ASN B 66 54.75 -12.62 -20.86
CA ASN B 66 54.01 -13.25 -21.96
C ASN B 66 54.31 -14.74 -22.08
N LYS B 67 55.46 -15.19 -21.59
CA LYS B 67 55.82 -16.60 -21.63
C LYS B 67 54.92 -17.48 -20.76
N CYS B 68 54.23 -16.90 -19.78
CA CYS B 68 53.41 -17.67 -18.85
C CYS B 68 51.93 -17.75 -19.24
N LEU B 69 51.54 -17.19 -20.37
CA LEU B 69 50.16 -17.32 -20.82
C LEU B 69 49.82 -18.78 -21.10
N SER B 70 50.73 -19.50 -21.75
CA SER B 70 50.58 -20.92 -22.03
C SER B 70 51.97 -21.55 -22.00
N PRO B 71 52.48 -21.88 -20.81
CA PRO B 71 53.86 -22.36 -20.71
C PRO B 71 53.97 -23.88 -20.85
N ASP B 72 55.19 -24.38 -20.86
CA ASP B 72 55.46 -25.81 -20.81
C ASP B 72 55.69 -26.30 -19.38
N VAL B 73 56.54 -25.63 -18.62
CA VAL B 73 56.68 -25.87 -17.19
C VAL B 73 55.77 -24.90 -16.45
N THR B 74 54.94 -25.43 -15.57
CA THR B 74 53.90 -24.61 -14.96
C THR B 74 54.40 -23.58 -13.94
N PRO B 75 55.49 -23.82 -13.19
CA PRO B 75 56.01 -22.74 -12.34
C PRO B 75 57.00 -21.85 -13.08
N CYS B 76 56.51 -20.98 -13.96
CA CYS B 76 57.41 -20.06 -14.66
C CYS B 76 57.58 -18.79 -13.85
N PHE B 77 58.67 -18.08 -14.12
CA PHE B 77 58.98 -16.85 -13.40
C PHE B 77 59.26 -15.75 -14.42
N CYS B 78 58.70 -14.57 -14.18
CA CYS B 78 59.01 -13.39 -14.97
C CYS B 78 59.17 -12.20 -14.04
N THR B 79 59.98 -11.24 -14.48
CA THR B 79 60.27 -10.04 -13.70
C THR B 79 59.91 -8.82 -14.53
N ILE B 80 59.19 -7.88 -13.91
CA ILE B 80 58.76 -6.65 -14.55
C ILE B 80 59.54 -5.51 -13.93
N ASN B 81 60.32 -4.81 -14.74
CA ASN B 81 61.05 -3.64 -14.25
C ASN B 81 60.10 -2.45 -14.13
N PHE B 82 60.12 -1.80 -12.97
CA PHE B 82 59.33 -0.59 -12.77
C PHE B 82 60.13 0.37 -11.91
N THR B 83 59.76 1.65 -11.99
CA THR B 83 60.50 2.73 -11.35
C THR B 83 59.57 3.51 -10.45
N LEU B 84 60.04 3.79 -9.23
CA LEU B 84 59.34 4.67 -8.30
C LEU B 84 59.90 6.07 -8.44
N GLU B 85 59.12 6.96 -9.06
CA GLU B 85 59.58 8.32 -9.31
C GLU B 85 59.84 9.06 -8.01
N LYS B 86 58.88 9.03 -7.10
CA LYS B 86 59.01 9.63 -5.78
C LYS B 86 58.83 8.57 -4.70
N SER B 87 59.56 8.76 -3.60
CA SER B 87 59.63 7.74 -2.55
C SER B 87 58.32 7.61 -1.80
N PHE B 88 58.07 6.40 -1.30
CA PHE B 88 56.98 6.13 -0.37
C PHE B 88 57.53 6.26 1.04
N GLU B 89 56.87 7.07 1.86
CA GLU B 89 57.41 7.45 3.17
C GLU B 89 56.82 6.66 4.32
N GLY B 90 55.51 6.67 4.50
CA GLY B 90 54.88 6.01 5.63
C GLY B 90 54.78 4.51 5.44
N ASN B 91 53.76 3.92 6.05
CA ASN B 91 53.48 2.50 5.87
C ASN B 91 53.01 2.26 4.45
N VAL B 92 53.47 1.16 3.86
CA VAL B 92 53.15 0.82 2.48
C VAL B 92 52.41 -0.50 2.46
N PHE B 93 51.35 -0.54 1.66
CA PHE B 93 50.48 -1.71 1.57
C PHE B 93 50.51 -2.24 0.14
N MET B 94 50.72 -3.55 0.00
CA MET B 94 50.76 -4.18 -1.30
C MET B 94 49.47 -4.94 -1.56
N TYR B 95 48.86 -4.69 -2.71
CA TYR B 95 47.62 -5.30 -3.13
C TYR B 95 47.84 -6.07 -4.43
N TYR B 96 46.96 -7.03 -4.70
CA TYR B 96 46.85 -7.61 -6.02
C TYR B 96 45.44 -7.37 -6.52
N GLY B 97 45.32 -6.98 -7.79
CA GLY B 97 44.04 -6.61 -8.38
C GLY B 97 43.63 -7.58 -9.47
N LEU B 98 42.34 -7.87 -9.52
CA LEU B 98 41.76 -8.71 -10.55
C LEU B 98 40.54 -8.01 -11.14
N SER B 99 40.47 -7.99 -12.47
CA SER B 99 39.33 -7.43 -13.18
C SER B 99 38.64 -8.53 -13.98
N ASN B 100 37.35 -8.33 -14.25
CA ASN B 100 36.51 -9.31 -14.94
C ASN B 100 36.39 -10.61 -14.14
N PHE B 101 36.66 -10.55 -12.84
CA PHE B 101 36.53 -11.68 -11.93
C PHE B 101 35.28 -11.45 -11.10
N TYR B 102 34.24 -12.25 -11.33
CA TYR B 102 32.95 -12.04 -10.69
C TYR B 102 32.89 -12.83 -9.39
N GLN B 103 33.51 -12.27 -8.35
CA GLN B 103 33.40 -12.81 -7.00
C GLN B 103 32.04 -12.53 -6.39
N ASN B 104 31.24 -11.66 -7.01
CA ASN B 104 29.91 -11.32 -6.54
C ASN B 104 28.82 -12.11 -7.24
N HIS B 105 29.18 -13.10 -8.06
CA HIS B 105 28.18 -13.94 -8.70
C HIS B 105 27.38 -14.69 -7.64
N ARG B 106 26.09 -14.85 -7.91
CA ARG B 106 25.20 -15.50 -6.94
C ARG B 106 25.63 -16.94 -6.68
N ARG B 107 26.00 -17.68 -7.73
CA ARG B 107 26.47 -19.04 -7.59
C ARG B 107 27.80 -19.14 -6.86
N TYR B 108 28.69 -18.18 -7.06
CA TYR B 108 30.01 -18.15 -6.43
C TYR B 108 29.93 -17.79 -4.95
N VAL B 109 29.13 -16.77 -4.61
CA VAL B 109 29.12 -16.22 -3.26
C VAL B 109 28.70 -17.25 -2.22
N LYS B 110 27.70 -18.07 -2.51
CA LYS B 110 27.21 -19.06 -1.57
C LYS B 110 28.04 -20.34 -1.53
N SER B 111 29.06 -20.46 -2.38
CA SER B 111 29.88 -21.67 -2.45
C SER B 111 30.89 -21.66 -1.31
N ARG B 112 30.37 -21.77 -0.09
CA ARG B 112 31.20 -21.88 1.11
C ARG B 112 30.40 -22.68 2.14
N ASP B 113 31.03 -22.91 3.29
CA ASP B 113 30.34 -23.53 4.42
C ASP B 113 30.88 -22.83 5.68
N ASP B 114 30.14 -21.81 6.14
CA ASP B 114 30.63 -20.99 7.24
C ASP B 114 30.81 -21.75 8.53
N SER B 115 29.95 -22.73 8.81
CA SER B 115 30.15 -23.57 9.99
C SER B 115 31.41 -24.42 9.87
N GLN B 116 31.71 -24.90 8.66
CA GLN B 116 32.92 -25.67 8.44
C GLN B 116 34.17 -24.83 8.69
N LEU B 117 34.17 -23.59 8.19
CA LEU B 117 35.32 -22.71 8.40
C LEU B 117 35.36 -22.13 9.81
N ASN B 118 34.33 -22.34 10.62
CA ASN B 118 34.31 -21.93 12.01
C ASN B 118 34.88 -22.99 12.95
N GLY B 119 35.41 -24.07 12.40
CA GLY B 119 35.97 -25.11 13.23
C GLY B 119 34.96 -26.06 13.82
N ASP B 120 33.81 -26.24 13.17
CA ASP B 120 32.79 -27.16 13.66
C ASP B 120 33.14 -28.58 13.24
N SER B 121 33.16 -29.49 14.21
CA SER B 121 33.52 -30.88 13.94
C SER B 121 32.51 -31.58 13.05
N SER B 122 31.21 -31.35 13.28
CA SER B 122 30.18 -32.01 12.51
C SER B 122 30.12 -31.53 11.06
N ALA B 123 30.71 -30.38 10.75
CA ALA B 123 30.70 -29.84 9.41
C ALA B 123 31.98 -30.14 8.64
N LEU B 124 33.08 -30.45 9.33
CA LEU B 124 34.34 -30.75 8.66
C LEU B 124 34.21 -31.96 7.74
N LEU B 125 33.57 -33.02 8.21
CA LEU B 125 33.36 -34.22 7.41
C LEU B 125 32.01 -34.25 6.72
N ASN B 126 31.16 -33.26 6.96
CA ASN B 126 29.85 -33.15 6.29
C ASN B 126 29.66 -31.73 5.79
N PRO B 127 30.35 -31.36 4.71
CA PRO B 127 30.18 -30.02 4.15
C PRO B 127 28.79 -29.84 3.54
N SER B 128 28.39 -28.58 3.44
CA SER B 128 27.06 -28.27 2.93
C SER B 128 26.98 -28.51 1.43
N LYS B 129 25.75 -28.61 0.92
CA LYS B 129 25.51 -28.85 -0.50
C LYS B 129 25.45 -27.57 -1.30
N GLU B 130 25.51 -26.41 -0.65
CA GLU B 130 25.70 -25.16 -1.36
C GLU B 130 27.10 -25.01 -1.92
N CYS B 131 28.10 -25.60 -1.28
CA CYS B 131 29.46 -25.68 -1.81
C CYS B 131 29.67 -26.95 -2.61
N GLU B 132 28.77 -27.27 -3.56
CA GLU B 132 28.81 -28.58 -4.19
C GLU B 132 28.87 -28.49 -5.71
N PRO B 133 29.79 -27.74 -6.27
CA PRO B 133 30.53 -28.29 -7.43
C PRO B 133 31.84 -28.86 -6.90
N TYR B 134 32.14 -28.52 -5.63
CA TYR B 134 33.42 -28.75 -4.99
C TYR B 134 33.18 -29.20 -3.55
N ARG B 135 32.24 -30.14 -3.38
CA ARG B 135 31.89 -30.64 -2.06
C ARG B 135 32.63 -31.91 -1.65
N ARG B 136 32.77 -32.89 -2.54
CA ARG B 136 33.47 -34.12 -2.21
C ARG B 136 34.35 -34.51 -3.39
N ASN B 137 35.58 -34.91 -3.09
CA ASN B 137 36.51 -35.38 -4.10
C ASN B 137 37.09 -36.71 -3.66
N GLU B 138 37.22 -37.65 -4.60
CA GLU B 138 37.81 -38.96 -4.35
C GLU B 138 37.08 -39.69 -3.21
N ASP B 139 35.74 -39.63 -3.22
CA ASP B 139 34.87 -40.19 -2.19
C ASP B 139 35.16 -39.62 -0.81
N LYS B 140 35.62 -38.37 -0.71
CA LYS B 140 36.09 -37.81 0.53
C LYS B 140 35.78 -36.30 0.57
N PRO B 141 35.32 -35.79 1.71
CA PRO B 141 34.98 -34.37 1.78
C PRO B 141 36.19 -33.48 1.57
N ILE B 142 35.97 -32.36 0.88
CA ILE B 142 37.00 -31.36 0.68
C ILE B 142 37.03 -30.47 1.92
N ALA B 143 38.22 -30.27 2.49
CA ALA B 143 38.31 -29.59 3.78
C ALA B 143 37.95 -28.11 3.64
N PRO B 144 38.58 -27.33 2.74
CA PRO B 144 37.98 -26.04 2.38
C PRO B 144 37.02 -26.16 1.19
N CYS B 145 35.79 -26.61 1.42
CA CYS B 145 34.89 -26.83 0.30
C CYS B 145 34.45 -25.51 -0.32
N GLY B 146 33.96 -25.58 -1.56
CA GLY B 146 33.38 -24.45 -2.24
C GLY B 146 34.25 -23.90 -3.35
N ALA B 147 33.60 -23.10 -4.19
CA ALA B 147 34.27 -22.45 -5.31
C ALA B 147 35.17 -21.30 -4.88
N ILE B 148 34.75 -20.53 -3.87
CA ILE B 148 35.55 -19.41 -3.40
C ILE B 148 36.91 -19.87 -2.90
N MET B 149 36.95 -20.94 -2.11
CA MET B 149 38.19 -21.55 -1.70
C MET B 149 38.98 -22.10 -2.88
N ASN B 150 38.34 -22.91 -3.72
CA ASN B 150 39.00 -23.55 -4.85
C ASN B 150 39.71 -22.54 -5.76
N SER B 151 39.10 -21.38 -5.97
CA SER B 151 39.69 -20.41 -6.88
C SER B 151 40.69 -19.49 -6.22
N MET B 152 41.29 -19.87 -5.08
CA MET B 152 42.12 -18.94 -4.32
C MET B 152 43.33 -18.49 -5.12
N PHE B 153 43.59 -17.18 -5.09
CA PHE B 153 44.72 -16.59 -5.77
C PHE B 153 46.02 -17.17 -5.23
N ASN B 154 46.94 -17.55 -6.13
CA ASN B 154 48.12 -18.29 -5.73
C ASN B 154 49.40 -17.85 -6.43
N ASP B 155 49.45 -16.61 -6.92
CA ASP B 155 50.72 -16.08 -7.40
C ASP B 155 51.58 -15.62 -6.24
N THR B 156 52.89 -15.69 -6.43
CA THR B 156 53.87 -15.20 -5.46
C THR B 156 54.56 -13.98 -6.06
N LEU B 157 54.54 -12.86 -5.32
CA LEU B 157 55.12 -11.61 -5.77
C LEU B 157 56.25 -11.20 -4.84
N GLU B 158 57.38 -10.82 -5.41
CA GLU B 158 58.55 -10.39 -4.66
C GLU B 158 59.03 -9.05 -5.19
N LEU B 159 59.45 -8.17 -4.27
CA LEU B 159 59.95 -6.85 -4.61
C LEU B 159 61.44 -6.77 -4.33
N PHE B 160 62.19 -6.23 -5.28
CA PHE B 160 63.62 -6.03 -5.14
C PHE B 160 63.97 -4.60 -5.51
N LEU B 161 64.70 -3.93 -4.64
CA LEU B 161 65.25 -2.61 -4.95
C LEU B 161 66.59 -2.80 -5.66
N ILE B 162 66.75 -2.18 -6.83
CA ILE B 162 67.97 -2.33 -7.59
C ILE B 162 68.99 -1.30 -7.11
N GLY B 163 70.01 -1.75 -6.38
CA GLY B 163 71.02 -0.86 -5.86
C GLY B 163 70.82 -0.52 -4.40
N ASP B 165 75.52 -0.10 -9.50
CA ASP B 165 75.54 -1.22 -8.57
C ASP B 165 74.86 -2.45 -9.17
N SER B 166 73.57 -2.30 -9.46
CA SER B 166 72.68 -3.33 -10.02
C SER B 166 72.66 -4.59 -9.17
N TYR B 167 72.71 -4.49 -7.85
CA TYR B 167 72.65 -5.66 -6.98
C TYR B 167 71.31 -5.65 -6.24
N PRO B 168 70.39 -6.52 -6.61
CA PRO B 168 69.04 -6.48 -6.00
C PRO B 168 69.10 -6.78 -4.50
N ILE B 169 68.43 -5.92 -3.74
CA ILE B 169 68.27 -6.10 -2.30
C ILE B 169 66.79 -6.36 -2.04
N PRO B 170 66.43 -7.46 -1.37
CA PRO B 170 65.01 -7.78 -1.18
C PRO B 170 64.35 -6.85 -0.18
N ILE B 171 63.02 -6.79 -0.29
CA ILE B 171 62.18 -5.96 0.58
C ILE B 171 61.38 -6.88 1.48
N ALA B 172 61.42 -6.62 2.79
CA ALA B 172 60.77 -7.47 3.78
C ALA B 172 59.26 -7.24 3.72
N LEU B 173 58.52 -8.32 3.48
CA LEU B 173 57.07 -8.28 3.40
C LEU B 173 56.50 -9.19 4.49
N LYS B 174 55.58 -8.66 5.29
CA LYS B 174 54.97 -9.43 6.37
C LYS B 174 53.54 -9.79 6.01
N LYS B 175 53.19 -11.06 6.20
CA LYS B 175 51.89 -11.57 5.81
C LYS B 175 50.87 -11.54 6.95
N LYS B 176 51.24 -11.07 8.13
CA LYS B 176 50.35 -11.05 9.27
C LYS B 176 49.78 -9.66 9.46
N GLY B 177 48.50 -9.59 9.83
CA GLY B 177 47.82 -8.32 10.01
C GLY B 177 47.15 -7.78 8.77
N ILE B 178 46.80 -8.63 7.81
CA ILE B 178 46.17 -8.19 6.56
C ILE B 178 44.69 -8.50 6.51
N ALA B 179 44.18 -9.39 7.36
CA ALA B 179 42.77 -9.73 7.40
C ALA B 179 42.11 -9.07 8.61
N TRP B 180 40.79 -9.05 8.61
CA TRP B 180 40.05 -8.54 9.75
C TRP B 180 40.40 -9.32 11.00
N TRP B 181 40.68 -8.58 12.09
CA TRP B 181 40.98 -9.24 13.35
C TRP B 181 39.83 -10.13 13.77
N THR B 182 38.60 -9.64 13.63
CA THR B 182 37.44 -10.40 14.08
C THR B 182 37.24 -11.68 13.28
N ASP B 183 37.45 -11.66 11.97
CA ASP B 183 37.21 -12.84 11.17
C ASP B 183 38.41 -13.79 11.15
N LYS B 184 39.58 -13.32 11.56
CA LYS B 184 40.70 -14.22 11.82
C LYS B 184 40.63 -14.88 13.17
N ASN B 185 40.13 -14.19 14.20
CA ASN B 185 40.16 -14.71 15.55
C ASN B 185 38.85 -15.31 16.03
N VAL B 186 37.74 -15.07 15.33
CA VAL B 186 36.46 -15.61 15.76
C VAL B 186 35.79 -16.37 14.63
N LYS B 187 35.58 -15.69 13.50
CA LYS B 187 34.82 -16.30 12.40
C LYS B 187 35.54 -17.48 11.77
N PHE B 188 36.86 -17.42 11.63
CA PHE B 188 37.65 -18.50 11.05
C PHE B 188 38.41 -19.19 12.18
N ARG B 189 38.06 -20.44 12.46
CA ARG B 189 38.70 -21.22 13.49
C ARG B 189 39.13 -22.57 12.92
N ASN B 190 40.14 -23.16 13.55
CA ASN B 190 40.58 -24.51 13.22
C ASN B 190 39.70 -25.55 13.90
N PRO B 191 39.60 -26.74 13.32
CA PRO B 191 38.92 -27.85 14.00
C PRO B 191 39.60 -28.17 15.31
N PRO B 192 38.91 -28.81 16.25
CA PRO B 192 39.55 -29.18 17.51
C PRO B 192 40.46 -30.40 17.37
N GLY B 193 41.57 -30.33 18.08
CA GLY B 193 42.60 -31.37 18.05
C GLY B 193 43.76 -30.92 18.91
N GLY B 194 44.48 -31.89 19.46
CA GLY B 194 45.51 -31.61 20.44
C GLY B 194 46.60 -30.64 20.03
N ASP B 195 47.53 -31.08 19.17
CA ASP B 195 48.63 -30.20 18.80
C ASP B 195 48.96 -30.22 17.30
N ASN B 196 48.64 -31.30 16.58
CA ASN B 196 49.02 -31.42 15.18
C ASN B 196 47.83 -31.10 14.30
N LEU B 197 48.04 -30.23 13.31
CA LEU B 197 46.97 -29.82 12.41
C LEU B 197 46.67 -30.86 11.34
N GLU B 198 47.65 -31.66 10.93
CA GLU B 198 47.44 -32.69 9.93
C GLU B 198 46.45 -33.75 10.38
N GLU B 199 46.46 -34.13 11.66
CA GLU B 199 45.56 -35.15 12.16
C GLU B 199 44.18 -34.60 12.53
N ARG B 200 44.02 -33.28 12.58
CA ARG B 200 42.69 -32.70 12.68
C ARG B 200 41.91 -32.81 11.37
N PHE B 201 42.59 -32.72 10.23
CA PHE B 201 41.99 -32.91 8.92
C PHE B 201 42.32 -34.34 8.49
N LYS B 202 41.58 -35.30 9.03
CA LYS B 202 41.88 -36.70 8.77
C LYS B 202 41.03 -37.30 7.67
N GLY B 203 39.70 -37.22 7.77
CA GLY B 203 38.84 -37.79 6.76
C GLY B 203 38.47 -36.80 5.67
N THR B 204 39.24 -35.73 5.56
CA THR B 204 39.01 -34.70 4.56
C THR B 204 40.12 -34.72 3.52
N THR B 205 39.83 -34.09 2.37
CA THR B 205 40.76 -34.01 1.26
C THR B 205 40.93 -32.55 0.84
N LYS B 206 42.03 -32.28 0.14
CA LYS B 206 42.33 -30.92 -0.27
C LYS B 206 41.47 -30.52 -1.47
N PRO B 207 41.31 -29.21 -1.71
CA PRO B 207 40.62 -28.76 -2.92
C PRO B 207 41.32 -29.25 -4.17
N VAL B 208 40.55 -29.40 -5.25
CA VAL B 208 41.08 -30.00 -6.47
C VAL B 208 42.17 -29.13 -7.09
N ASN B 209 42.04 -27.81 -6.98
CA ASN B 209 43.05 -26.90 -7.52
C ASN B 209 44.20 -26.66 -6.55
N TRP B 210 44.10 -27.15 -5.31
CA TRP B 210 45.21 -27.10 -4.37
C TRP B 210 46.37 -27.97 -4.84
N LEU B 211 47.58 -27.53 -4.53
CA LEU B 211 48.77 -28.34 -4.68
C LEU B 211 49.32 -28.80 -3.34
N LYS B 212 48.76 -28.31 -2.24
CA LYS B 212 49.18 -28.63 -0.88
C LYS B 212 47.97 -28.50 0.04
N PRO B 213 47.74 -29.44 0.95
CA PRO B 213 46.54 -29.39 1.79
C PRO B 213 46.48 -28.13 2.65
N VAL B 214 45.31 -27.89 3.24
CA VAL B 214 45.08 -26.68 4.03
C VAL B 214 45.96 -26.60 5.27
N TYR B 215 46.46 -27.73 5.77
CA TYR B 215 47.34 -27.73 6.93
C TYR B 215 48.80 -27.54 6.54
N MET B 216 49.07 -27.34 5.24
CA MET B 216 50.41 -27.00 4.80
C MET B 216 50.46 -25.62 4.15
N LEU B 217 49.44 -24.79 4.38
CA LEU B 217 49.38 -23.48 3.75
C LEU B 217 50.50 -22.56 4.21
N ASP B 218 50.98 -22.72 5.45
CA ASP B 218 52.04 -21.89 5.98
C ASP B 218 52.61 -22.60 7.20
N SER B 219 53.92 -22.41 7.41
CA SER B 219 54.64 -23.11 8.46
C SER B 219 54.32 -22.59 9.86
N ASP B 220 53.95 -21.32 9.99
CA ASP B 220 53.60 -20.77 11.29
C ASP B 220 52.31 -21.42 11.79
N PRO B 221 52.31 -22.04 12.97
CA PRO B 221 51.10 -22.71 13.45
C PRO B 221 49.93 -21.76 13.70
N ASP B 222 50.18 -20.47 13.82
CA ASP B 222 49.12 -19.48 14.04
C ASP B 222 48.63 -18.91 12.71
N ASN B 223 49.14 -19.41 11.60
CA ASN B 223 48.75 -18.97 10.27
C ASN B 223 48.68 -20.15 9.31
N ASN B 224 48.29 -21.33 9.81
CA ASN B 224 48.50 -22.56 9.09
C ASN B 224 47.30 -23.05 8.28
N GLY B 225 46.11 -23.13 8.86
CA GLY B 225 44.96 -23.66 8.14
C GLY B 225 43.64 -23.22 8.70
N PHE B 226 42.75 -22.72 7.84
CA PHE B 226 41.48 -22.07 8.15
C PHE B 226 41.71 -20.75 8.86
N ILE B 227 42.96 -20.41 9.21
CA ILE B 227 43.30 -19.12 9.78
C ILE B 227 44.46 -18.46 9.06
N ASN B 228 44.96 -19.06 7.98
CA ASN B 228 45.79 -18.35 7.02
C ASN B 228 45.13 -17.05 6.63
N GLU B 229 45.83 -15.94 6.84
CA GLU B 229 45.29 -14.63 6.50
C GLU B 229 45.16 -14.43 5.00
N ASP B 230 46.05 -15.02 4.20
CA ASP B 230 45.88 -15.01 2.75
C ASP B 230 44.63 -15.74 2.30
N PHE B 231 44.33 -16.88 2.92
CA PHE B 231 43.08 -17.60 2.67
C PHE B 231 41.87 -16.78 3.09
N ILE B 232 41.94 -16.18 4.28
CA ILE B 232 40.81 -15.42 4.83
C ILE B 232 40.52 -14.19 3.97
N VAL B 233 41.56 -13.49 3.54
CA VAL B 233 41.37 -12.30 2.70
C VAL B 233 40.69 -12.68 1.38
N TRP B 234 41.10 -13.78 0.76
CA TRP B 234 40.46 -14.22 -0.48
C TRP B 234 39.02 -14.65 -0.24
N MET B 235 38.75 -15.27 0.91
CA MET B 235 37.39 -15.75 1.22
C MET B 235 36.39 -14.61 1.31
N ARG B 236 36.85 -13.41 1.67
CA ARG B 236 35.97 -12.25 1.70
C ARG B 236 35.67 -11.80 0.27
N THR B 237 34.54 -12.26 -0.28
CA THR B 237 34.21 -12.00 -1.67
C THR B 237 34.01 -10.50 -1.90
N ALA B 238 34.41 -10.05 -3.08
CA ALA B 238 34.38 -8.63 -3.43
C ALA B 238 33.00 -8.23 -3.94
N ALA B 239 32.77 -6.92 -3.96
CA ALA B 239 31.51 -6.35 -4.42
C ALA B 239 31.43 -6.16 -5.92
N LEU B 240 32.53 -5.79 -6.56
CA LEU B 240 32.56 -5.45 -7.98
C LEU B 240 33.51 -6.40 -8.69
N PRO B 241 33.34 -6.59 -10.00
CA PRO B 241 34.23 -7.52 -10.72
C PRO B 241 35.65 -7.00 -10.90
N THR B 242 35.93 -5.75 -10.53
CA THR B 242 37.28 -5.22 -10.47
C THR B 242 37.56 -4.85 -9.02
N PHE B 243 38.49 -5.56 -8.39
CA PHE B 243 38.71 -5.41 -6.95
C PHE B 243 40.20 -5.52 -6.64
N ARG B 244 40.53 -5.22 -5.38
CA ARG B 244 41.88 -5.33 -4.86
C ARG B 244 41.83 -6.14 -3.58
N LYS B 245 42.91 -6.84 -3.27
CA LYS B 245 43.01 -7.62 -2.04
C LYS B 245 44.38 -7.43 -1.43
N LEU B 246 44.40 -7.18 -0.11
CA LEU B 246 45.65 -6.95 0.59
C LEU B 246 46.55 -8.17 0.51
N TYR B 247 47.79 -7.97 0.07
CA TYR B 247 48.75 -9.06 -0.05
C TYR B 247 49.75 -9.07 1.10
N ARG B 248 50.50 -7.97 1.27
CA ARG B 248 51.53 -7.89 2.28
C ARG B 248 51.54 -6.49 2.88
N LEU B 249 52.34 -6.33 3.93
CA LEU B 249 52.56 -5.04 4.57
C LEU B 249 54.06 -4.75 4.53
N ILE B 250 54.43 -3.60 3.98
CA ILE B 250 55.81 -3.13 4.02
C ILE B 250 55.89 -2.10 5.14
N GLU B 251 56.32 -2.53 6.31
CA GLU B 251 56.26 -1.74 7.52
C GLU B 251 57.24 -0.56 7.46
N ARG B 252 56.84 0.54 8.10
CA ARG B 252 57.68 1.72 8.20
C ARG B 252 58.96 1.41 8.97
N LYS B 253 60.08 1.90 8.45
CA LYS B 253 61.38 1.67 9.07
C LYS B 253 61.57 2.54 10.32
N HIS B 257 65.17 8.02 5.84
CA HIS B 257 65.09 6.90 4.90
C HIS B 257 63.64 6.48 4.68
N PRO B 258 63.17 6.58 3.44
CA PRO B 258 61.79 6.19 3.14
C PRO B 258 61.60 4.69 3.21
N THR B 259 60.33 4.30 3.38
CA THR B 259 60.00 2.88 3.34
C THR B 259 60.32 2.28 1.97
N LEU B 260 59.95 2.97 0.90
CA LEU B 260 60.27 2.56 -0.46
C LEU B 260 61.05 3.68 -1.15
N PRO B 261 62.37 3.64 -1.12
CA PRO B 261 63.16 4.71 -1.74
C PRO B 261 62.94 4.77 -3.24
N ALA B 262 63.05 5.99 -3.77
CA ALA B 262 62.89 6.21 -5.20
C ALA B 262 64.06 5.59 -5.97
N GLY B 263 63.73 4.81 -6.99
CA GLY B 263 64.75 4.19 -7.82
C GLY B 263 64.15 3.06 -8.62
N ARG B 264 65.04 2.32 -9.28
CA ARG B 264 64.68 1.14 -10.06
C ARG B 264 64.28 0.01 -9.13
N TYR B 265 63.35 -0.82 -9.61
CA TYR B 265 62.75 -1.88 -8.81
C TYR B 265 62.52 -3.11 -9.68
N TRP B 266 62.36 -4.26 -9.03
CA TRP B 266 62.08 -5.52 -9.71
C TRP B 266 60.85 -6.15 -9.09
N LEU B 267 60.00 -6.72 -9.94
CA LEU B 267 58.82 -7.45 -9.49
C LEU B 267 58.89 -8.87 -10.02
N ASN B 268 59.50 -9.76 -9.24
CA ASN B 268 59.57 -11.18 -9.54
C ASN B 268 58.25 -11.83 -9.17
N VAL B 269 57.58 -12.43 -10.13
CA VAL B 269 56.28 -13.07 -9.91
C VAL B 269 56.41 -14.56 -10.25
N THR B 270 55.76 -15.39 -9.43
CA THR B 270 55.58 -16.81 -9.74
C THR B 270 54.20 -16.96 -10.38
N TYR B 271 54.16 -16.92 -11.70
CA TYR B 271 52.91 -16.79 -12.45
C TYR B 271 52.17 -18.11 -12.40
N ASN B 272 51.25 -18.24 -11.43
CA ASN B 272 50.48 -19.45 -11.22
C ASN B 272 49.01 -19.32 -11.58
N TYR B 273 48.43 -18.13 -11.46
CA TYR B 273 46.98 -17.95 -11.55
C TYR B 273 46.57 -17.63 -12.98
N PRO B 274 45.78 -18.50 -13.62
CA PRO B 274 45.31 -18.22 -14.98
C PRO B 274 44.10 -17.31 -15.00
N VAL B 275 44.25 -16.11 -15.55
CA VAL B 275 43.16 -15.16 -15.64
C VAL B 275 42.79 -14.86 -17.09
N HIS B 276 43.64 -15.27 -18.03
CA HIS B 276 43.46 -14.94 -19.44
C HIS B 276 42.51 -15.86 -20.18
N TYR B 277 42.04 -16.95 -19.56
CA TYR B 277 41.00 -17.77 -20.17
C TYR B 277 39.71 -16.97 -20.32
N PHE B 278 39.33 -16.26 -19.28
CA PHE B 278 38.38 -15.16 -19.42
C PHE B 278 39.16 -13.87 -19.68
N ASP B 279 38.42 -12.79 -19.95
CA ASP B 279 39.08 -11.53 -20.30
C ASP B 279 39.49 -10.76 -19.04
N GLY B 280 40.33 -11.41 -18.23
CA GLY B 280 40.78 -10.83 -16.98
C GLY B 280 42.23 -10.39 -17.02
N ARG B 281 42.57 -9.50 -16.09
CA ARG B 281 43.93 -8.98 -15.96
C ARG B 281 44.35 -9.00 -14.50
N LYS B 282 45.67 -9.04 -14.29
CA LYS B 282 46.26 -9.09 -12.96
C LYS B 282 47.12 -7.86 -12.73
N ARG B 283 47.05 -7.31 -11.52
CA ARG B 283 47.77 -6.10 -11.18
C ARG B 283 48.45 -6.26 -9.82
N MET B 284 49.51 -5.47 -9.63
CA MET B 284 50.18 -5.32 -8.34
C MET B 284 50.11 -3.84 -7.97
N ILE B 285 49.62 -3.56 -6.77
CA ILE B 285 49.41 -2.18 -6.32
C ILE B 285 50.26 -1.94 -5.08
N LEU B 286 51.09 -0.90 -5.14
CA LEU B 286 51.81 -0.39 -3.98
C LEU B 286 51.22 0.95 -3.61
N SER B 287 50.82 1.11 -2.35
CA SER B 287 50.10 2.30 -1.94
C SER B 287 50.43 2.65 -0.49
N THR B 288 50.31 3.93 -0.18
CA THR B 288 50.28 4.43 1.19
C THR B 288 48.84 4.78 1.54
N ILE B 289 48.58 4.97 2.83
CA ILE B 289 47.24 5.27 3.29
C ILE B 289 47.22 6.60 4.03
N SER B 290 46.03 6.97 4.49
CA SER B 290 45.83 8.11 5.36
C SER B 290 44.70 7.77 6.33
N TRP B 291 44.18 8.77 7.03
CA TRP B 291 43.02 8.54 7.90
C TRP B 291 41.79 8.16 7.08
N MET B 292 41.74 8.55 5.81
CA MET B 292 40.59 8.27 4.96
C MET B 292 40.77 7.01 4.13
N GLY B 293 41.90 6.32 4.23
CA GLY B 293 42.14 5.12 3.46
C GLY B 293 43.05 5.34 2.27
N GLY B 294 42.73 4.70 1.15
CA GLY B 294 43.54 4.82 -0.04
C GLY B 294 43.22 6.06 -0.85
N LYS B 295 43.73 6.12 -2.08
CA LYS B 295 43.56 7.29 -2.94
C LYS B 295 42.24 7.18 -3.67
N ASN B 296 41.33 8.12 -3.41
CA ASN B 296 40.06 8.19 -4.10
C ASN B 296 39.53 9.62 -4.07
N PRO B 297 39.55 10.33 -5.21
CA PRO B 297 39.16 11.74 -5.19
C PRO B 297 37.66 11.96 -5.20
N PHE B 298 36.85 10.89 -5.29
CA PHE B 298 35.41 11.04 -5.41
C PHE B 298 34.83 11.77 -4.22
N LEU B 299 35.24 11.39 -3.00
CA LEU B 299 34.68 12.01 -1.81
C LEU B 299 34.99 13.49 -1.74
N GLY B 300 36.23 13.88 -2.03
CA GLY B 300 36.59 15.29 -2.01
C GLY B 300 35.86 16.09 -3.07
N ILE B 301 35.81 15.57 -4.30
CA ILE B 301 35.18 16.28 -5.40
C ILE B 301 33.69 16.43 -5.14
N ALA B 302 33.07 15.39 -4.58
CA ALA B 302 31.65 15.40 -4.24
C ALA B 302 31.32 16.35 -3.10
N TYR B 303 32.10 16.34 -2.02
CA TYR B 303 31.86 17.28 -0.94
C TYR B 303 32.05 18.72 -1.42
N ILE B 304 33.11 18.98 -2.18
CA ILE B 304 33.33 20.33 -2.71
C ILE B 304 32.19 20.79 -3.60
N ALA B 305 31.72 19.94 -4.51
CA ALA B 305 30.64 20.30 -5.41
C ALA B 305 29.28 20.35 -4.75
N VAL B 306 29.09 19.68 -3.61
CA VAL B 306 27.80 19.70 -2.93
C VAL B 306 27.75 20.91 -2.02
N GLY B 307 28.91 21.30 -1.49
CA GLY B 307 28.97 22.52 -0.69
C GLY B 307 29.11 23.75 -1.54
N SER B 308 29.18 23.56 -2.86
CA SER B 308 29.24 24.67 -3.81
C SER B 308 27.97 24.84 -4.62
N ILE B 309 27.15 23.80 -4.76
CA ILE B 309 25.81 23.94 -5.28
C ILE B 309 24.80 24.09 -4.13
N SER B 310 25.30 24.40 -2.94
CA SER B 310 24.47 24.79 -1.79
C SER B 310 24.64 26.25 -1.43
N PHE B 311 25.89 26.72 -1.37
CA PHE B 311 26.19 28.13 -1.13
C PHE B 311 25.66 29.04 -2.23
N LEU B 312 25.79 28.63 -3.49
CA LEU B 312 25.25 29.40 -4.61
C LEU B 312 23.73 29.42 -4.61
N LEU B 313 23.08 28.31 -4.29
CA LEU B 313 21.62 28.31 -4.14
C LEU B 313 21.20 29.25 -3.01
N GLY B 314 21.91 29.20 -1.89
CA GLY B 314 21.62 30.13 -0.81
C GLY B 314 21.78 31.57 -1.21
N VAL B 315 22.85 31.89 -1.95
CA VAL B 315 23.12 33.25 -2.39
C VAL B 315 22.05 33.72 -3.37
N VAL B 316 21.69 32.86 -4.32
CA VAL B 316 20.74 33.21 -5.36
C VAL B 316 19.30 33.20 -4.85
N LEU B 317 19.04 32.62 -3.68
CA LEU B 317 17.70 32.67 -3.11
C LEU B 317 17.54 33.74 -2.04
N LEU B 318 18.59 34.05 -1.27
CA LEU B 318 18.52 35.15 -0.33
C LEU B 318 18.34 36.48 -1.07
N VAL B 319 19.05 36.65 -2.19
CA VAL B 319 18.86 37.83 -3.01
C VAL B 319 17.47 37.87 -3.61
N ILE B 320 16.96 36.72 -4.08
CA ILE B 320 15.63 36.67 -4.68
C ILE B 320 14.55 36.97 -3.65
N ASN B 321 14.77 36.63 -2.39
CA ASN B 321 13.81 36.93 -1.33
C ASN B 321 13.99 38.31 -0.73
N HIS B 322 15.06 39.03 -1.09
CA HIS B 322 15.26 40.39 -0.61
C HIS B 322 14.50 41.42 -1.43
N LYS B 323 13.80 41.01 -2.50
CA LYS B 323 13.01 41.92 -3.31
C LYS B 323 11.88 42.58 -2.53
N TYR B 324 11.40 41.94 -1.47
CA TYR B 324 10.31 42.49 -0.67
C TYR B 324 10.74 43.75 0.08
#